data_5KHA
#
_entry.id   5KHA
#
_cell.length_a   71.880
_cell.length_b   123.750
_cell.length_c   73.650
_cell.angle_alpha   90.000
_cell.angle_beta   110.930
_cell.angle_gamma   90.000
#
_symmetry.space_group_name_H-M   'P 1 21 1'
#
loop_
_entity.id
_entity.type
_entity.pdbx_description
1 polymer 'Glutamine-dependent NAD+ synthetase'
2 non-polymer "ADENOSINE-5'-DIPHOSPHATE"
3 non-polymer 1,2-ETHANEDIOL
4 non-polymer 'CHLORIDE ION'
5 water water
#
_entity_poly.entity_id   1
_entity_poly.type   'polypeptide(L)'
_entity_poly.pdbx_seq_one_letter_code
;MAHHHHHHMKSFKVALAQFSPHIGNIDSNTQKMIEQANQAKKQDADLIIFPELSVIGYPAEDLLLRPNLNKRMQKAFAQL
SEVKDIVMVFGFVNQTEDGQRYNSAAVMKDGQVLGVFNKHNLPNYGVFDEKRYFQKGHQHLVFEYLGHKFGVLICEDIWS
INTVKQLSQLNVDTVLVLNSSPYEVGKPQHRKQTLSELAKQLHLNIVYVNQVGGQDDLIFDGTSFVSNQNGEIALQAPSF
KEDLYIAEFDRDTKLYKVVESAPALETFAEIYQGLVMATRDYVERSGFPGVILGLSGGIDSALTLAIAVDAIGAERVQAV
MMPYTYTSQISVEDAAEQARRMGVTFGIAEIHSIVNSFMQTLYPFFGNSPADATEENLQARARGTLLMGLSNKFGNLVLS
TGNKSELSVGYCTLYGDMVGGFAVLKDVYKTIVFELAKYRNSLSETPVIPERVITRPPSAELRPDQKDQDSLPAYDVLDA
ILYAYIEEDLGQADIIAKGFDKEVVEKVIRLVDRNEYKRRQGAIGPRITSRAFSRERRYPIVNGWTAND
;
_entity_poly.pdbx_strand_id   A,B
#
loop_
_chem_comp.id
_chem_comp.type
_chem_comp.name
_chem_comp.formula
ADP non-polymer ADENOSINE-5'-DIPHOSPHATE 'C10 H15 N5 O10 P2'
CL non-polymer 'CHLORIDE ION' 'Cl -1'
EDO non-polymer 1,2-ETHANEDIOL 'C2 H6 O2'
#
# COMPACT_ATOMS: atom_id res chain seq x y z
N LYS A 10 -31.72 32.75 22.23
CA LYS A 10 -30.73 33.80 21.98
C LYS A 10 -29.95 33.49 20.70
N SER A 11 -29.56 34.54 19.98
CA SER A 11 -28.81 34.40 18.73
C SER A 11 -27.31 34.23 18.97
N PHE A 12 -26.66 33.48 18.09
CA PHE A 12 -25.24 33.20 18.25
C PHE A 12 -24.60 32.99 16.88
N LYS A 13 -23.27 32.95 16.87
CA LYS A 13 -22.50 32.74 15.66
C LYS A 13 -21.58 31.55 15.82
N VAL A 14 -21.51 30.74 14.76
CA VAL A 14 -20.70 29.54 14.70
C VAL A 14 -19.67 29.72 13.60
N ALA A 15 -18.39 29.51 13.92
CA ALA A 15 -17.30 29.61 12.95
C ALA A 15 -16.92 28.23 12.44
N LEU A 16 -16.95 28.05 11.11
CA LEU A 16 -16.55 26.80 10.49
C LEU A 16 -15.12 27.00 9.97
N ALA A 17 -14.17 26.26 10.54
CA ALA A 17 -12.75 26.43 10.19
C ALA A 17 -12.42 25.42 9.11
N GLN A 18 -12.48 25.87 7.86
CA GLN A 18 -12.10 25.02 6.73
C GLN A 18 -10.59 25.02 6.65
N PHE A 19 -9.99 23.99 7.25
CA PHE A 19 -8.66 24.02 7.84
C PHE A 19 -7.78 23.00 7.12
N SER A 20 -6.54 23.40 6.81
CA SER A 20 -5.62 22.47 6.15
C SER A 20 -4.49 22.09 7.12
N PRO A 21 -4.52 20.91 7.70
CA PRO A 21 -3.47 20.57 8.66
C PRO A 21 -2.19 20.16 7.94
N HIS A 22 -1.09 20.31 8.66
CA HIS A 22 0.17 19.68 8.26
C HIS A 22 0.23 18.35 8.99
N ILE A 23 0.04 17.26 8.25
CA ILE A 23 -0.07 15.94 8.85
C ILE A 23 1.14 15.67 9.72
N GLY A 24 0.87 15.29 10.98
CA GLY A 24 1.89 14.98 11.96
C GLY A 24 2.49 16.15 12.69
N ASN A 25 2.26 17.39 12.24
CA ASN A 25 2.88 18.55 12.88
C ASN A 25 1.91 19.13 13.89
N ILE A 26 1.85 18.49 15.06
CA ILE A 26 0.93 18.88 16.11
C ILE A 26 1.19 20.32 16.56
N ASP A 27 2.48 20.69 16.70
CA ASP A 27 2.81 22.07 17.05
C ASP A 27 2.21 23.07 16.08
N SER A 28 2.43 22.85 14.78
CA SER A 28 1.94 23.78 13.77
C SER A 28 0.41 23.78 13.70
N ASN A 29 -0.21 22.60 13.72
CA ASN A 29 -1.66 22.55 13.70
C ASN A 29 -2.26 23.25 14.92
N THR A 30 -1.66 23.06 16.09
CA THR A 30 -2.18 23.69 17.30
C THR A 30 -2.10 25.21 17.21
N GLN A 31 -0.93 25.73 16.79
CA GLN A 31 -0.78 27.16 16.63
C GLN A 31 -1.79 27.74 15.63
N LYS A 32 -1.99 27.06 14.49
CA LYS A 32 -2.96 27.57 13.51
C LYS A 32 -4.40 27.49 14.05
N MET A 33 -4.74 26.42 14.76
CA MET A 33 -6.05 26.37 15.43
C MET A 33 -6.23 27.56 16.38
N ILE A 34 -5.20 27.87 17.16
CA ILE A 34 -5.27 29.01 18.09
C ILE A 34 -5.47 30.30 17.32
N GLU A 35 -4.77 30.47 16.21
CA GLU A 35 -4.93 31.66 15.38
C GLU A 35 -6.35 31.76 14.83
N GLN A 36 -6.90 30.62 14.40
CA GLN A 36 -8.25 30.68 13.82
C GLN A 36 -9.29 30.97 14.89
N ALA A 37 -9.12 30.42 16.09
CA ALA A 37 -10.06 30.70 17.18
C ALA A 37 -10.03 32.18 17.56
N ASN A 38 -8.84 32.77 17.63
CA ASN A 38 -8.75 34.21 17.88
C ASN A 38 -9.36 35.03 16.76
N GLN A 39 -9.16 34.59 15.52
CA GLN A 39 -9.78 35.27 14.38
C GLN A 39 -11.31 35.14 14.44
N ALA A 40 -11.80 33.97 14.82
CA ALA A 40 -13.24 33.77 14.95
C ALA A 40 -13.83 34.66 16.04
N LYS A 41 -13.07 34.90 17.13
CA LYS A 41 -13.55 35.81 18.16
C LYS A 41 -13.68 37.23 17.63
N LYS A 42 -12.69 37.69 16.86
CA LYS A 42 -12.77 39.02 16.25
C LYS A 42 -14.00 39.18 15.37
N GLN A 43 -14.49 38.08 14.81
CA GLN A 43 -15.69 38.09 13.98
C GLN A 43 -16.92 37.69 14.78
N ASP A 44 -16.87 37.80 16.10
CA ASP A 44 -18.01 37.62 16.99
C ASP A 44 -18.55 36.19 16.99
N ALA A 45 -17.73 35.19 16.67
CA ALA A 45 -18.16 33.80 16.75
C ALA A 45 -18.21 33.33 18.20
N ASP A 46 -19.25 32.56 18.53
CA ASP A 46 -19.41 32.00 19.87
C ASP A 46 -18.85 30.59 19.98
N LEU A 47 -18.80 29.88 18.87
CA LEU A 47 -18.15 28.58 18.76
C LEU A 47 -17.33 28.55 17.48
N ILE A 48 -16.28 27.74 17.49
CA ILE A 48 -15.51 27.44 16.29
C ILE A 48 -15.31 25.93 16.22
N ILE A 49 -15.56 25.37 15.03
CA ILE A 49 -15.52 23.93 14.81
C ILE A 49 -14.45 23.64 13.77
N PHE A 50 -13.56 22.72 14.11
CA PHE A 50 -12.43 22.31 13.30
C PHE A 50 -12.71 20.96 12.66
N PRO A 51 -11.90 20.55 11.69
CA PRO A 51 -12.09 19.23 11.06
C PRO A 51 -11.76 18.08 11.99
N GLU A 52 -12.09 16.89 11.52
CA GLU A 52 -11.71 15.66 12.21
C GLU A 52 -10.20 15.60 12.43
N LEU A 53 -9.81 15.16 13.62
CA LEU A 53 -8.39 14.96 14.02
C LEU A 53 -7.53 16.19 13.74
N SER A 54 -8.12 17.39 13.85
CA SER A 54 -7.46 18.60 13.37
C SER A 54 -6.09 18.83 14.00
N VAL A 55 -5.87 18.34 15.23
CA VAL A 55 -4.60 18.56 15.93
C VAL A 55 -3.46 17.81 15.23
N ILE A 56 -3.74 16.63 14.67
CA ILE A 56 -2.71 15.84 14.02
C ILE A 56 -2.91 15.73 12.51
N GLY A 57 -4.14 15.85 12.01
CA GLY A 57 -4.39 15.79 10.59
C GLY A 57 -4.74 14.40 10.10
N TYR A 58 -5.12 14.32 8.82
CA TYR A 58 -5.64 13.11 8.21
C TYR A 58 -5.13 13.00 6.78
N PRO A 59 -4.59 11.84 6.35
CA PRO A 59 -4.34 10.64 7.16
C PRO A 59 -2.93 10.62 7.76
N ALA A 60 -2.87 10.54 9.10
CA ALA A 60 -1.60 10.47 9.80
C ALA A 60 -1.02 9.07 9.83
N GLU A 61 -1.83 8.05 9.49
CA GLU A 61 -1.38 6.67 9.37
C GLU A 61 -0.64 6.22 10.63
N ASP A 62 0.49 5.51 10.52
CA ASP A 62 1.08 4.90 11.72
C ASP A 62 1.70 5.90 12.67
N LEU A 63 1.73 7.21 12.36
CA LEU A 63 2.03 8.17 13.41
C LEU A 63 1.05 8.02 14.58
N LEU A 64 -0.19 7.61 14.30
CA LEU A 64 -1.22 7.46 15.33
C LEU A 64 -0.88 6.35 16.32
N LEU A 65 0.12 5.54 16.03
CA LEU A 65 0.56 4.47 16.91
C LEU A 65 1.80 4.83 17.72
N ARG A 66 2.34 6.03 17.56
CA ARG A 66 3.60 6.32 18.23
C ARG A 66 3.41 6.42 19.74
N PRO A 67 4.31 5.85 20.53
CA PRO A 67 4.11 5.86 21.99
C PRO A 67 4.08 7.25 22.61
N ASN A 68 4.79 8.22 22.04
CA ASN A 68 4.80 9.57 22.58
C ASN A 68 3.61 10.42 22.09
N LEU A 69 2.67 9.83 21.35
CA LEU A 69 1.56 10.62 20.83
C LEU A 69 0.73 11.25 21.95
N ASN A 70 0.44 10.48 22.99
CA ASN A 70 -0.43 10.99 24.03
C ASN A 70 0.17 12.19 24.73
N LYS A 71 1.49 12.17 24.95
CA LYS A 71 2.15 13.33 25.55
C LYS A 71 2.05 14.56 24.66
N ARG A 72 2.11 14.37 23.35
CA ARG A 72 1.99 15.51 22.44
C ARG A 72 0.57 16.06 22.43
N MET A 73 -0.42 15.17 22.50
CA MET A 73 -1.81 15.60 22.66
C MET A 73 -1.99 16.43 23.94
N GLN A 74 -1.34 16.01 25.03
CA GLN A 74 -1.47 16.75 26.29
C GLN A 74 -0.92 18.15 26.15
N LYS A 75 0.27 18.28 25.55
CA LYS A 75 0.81 19.61 25.32
C LYS A 75 -0.13 20.45 24.46
N ALA A 76 -0.72 19.84 23.42
CA ALA A 76 -1.63 20.59 22.56
C ALA A 76 -2.83 21.09 23.35
N PHE A 77 -3.41 20.23 24.19
CA PHE A 77 -4.52 20.65 25.04
C PHE A 77 -4.11 21.78 25.96
N ALA A 78 -2.91 21.68 26.55
CA ALA A 78 -2.42 22.74 27.41
C ALA A 78 -2.29 24.05 26.65
N GLN A 79 -1.77 24.00 25.42
CA GLN A 79 -1.70 25.22 24.62
C GLN A 79 -3.11 25.73 24.28
N LEU A 80 -4.02 24.83 23.89
CA LEU A 80 -5.37 25.26 23.54
C LEU A 80 -6.13 25.81 24.73
N SER A 81 -5.76 25.39 25.96
CA SER A 81 -6.43 25.88 27.17
C SER A 81 -6.21 27.37 27.41
N GLU A 82 -5.24 27.99 26.75
CA GLU A 82 -5.03 29.41 26.93
C GLU A 82 -6.03 30.26 26.16
N VAL A 83 -6.69 29.69 25.15
CA VAL A 83 -7.70 30.42 24.38
C VAL A 83 -8.95 30.62 25.23
N LYS A 84 -9.37 31.87 25.38
CA LYS A 84 -10.49 32.19 26.24
C LYS A 84 -11.64 32.80 25.43
N ASP A 85 -12.85 32.67 25.97
CA ASP A 85 -14.05 33.36 25.50
C ASP A 85 -14.58 32.83 24.15
N ILE A 86 -14.31 31.59 23.79
CA ILE A 86 -14.96 30.99 22.64
C ILE A 86 -14.96 29.48 22.81
N VAL A 87 -16.09 28.85 22.50
CA VAL A 87 -16.13 27.39 22.53
C VAL A 87 -15.37 26.86 21.32
N MET A 88 -14.44 25.94 21.56
CA MET A 88 -13.70 25.28 20.50
C MET A 88 -14.13 23.82 20.44
N VAL A 89 -14.43 23.34 19.24
CA VAL A 89 -14.73 21.93 19.01
C VAL A 89 -13.70 21.43 18.01
N PHE A 90 -12.84 20.48 18.41
CA PHE A 90 -11.75 20.07 17.55
C PHE A 90 -11.45 18.58 17.69
N GLY A 91 -10.72 18.05 16.72
CA GLY A 91 -10.39 16.63 16.67
C GLY A 91 -9.04 16.32 17.30
N PHE A 92 -8.99 15.22 18.03
CA PHE A 92 -7.76 14.77 18.68
C PHE A 92 -7.85 13.26 18.87
N VAL A 93 -6.72 12.68 19.25
CA VAL A 93 -6.63 11.25 19.55
C VAL A 93 -6.75 11.12 21.06
N ASN A 94 -7.83 10.49 21.50
CA ASN A 94 -8.11 10.31 22.92
C ASN A 94 -7.56 8.95 23.36
N GLN A 95 -6.59 8.96 24.27
CA GLN A 95 -6.05 7.74 24.83
C GLN A 95 -6.45 7.66 26.30
N THR A 96 -7.09 6.57 26.68
CA THR A 96 -7.61 6.41 28.03
C THR A 96 -6.60 5.65 28.90
N GLU A 97 -6.93 5.49 30.19
CA GLU A 97 -6.01 4.87 31.14
C GLU A 97 -5.60 3.47 30.70
N ASP A 98 -6.55 2.68 30.21
CA ASP A 98 -6.24 1.34 29.73
C ASP A 98 -5.31 1.35 28.51
N GLY A 99 -5.08 2.50 27.90
CA GLY A 99 -4.26 2.60 26.71
C GLY A 99 -5.03 2.55 25.40
N GLN A 100 -6.34 2.36 25.43
CA GLN A 100 -7.12 2.34 24.21
C GLN A 100 -7.15 3.72 23.59
N ARG A 101 -7.23 3.77 22.26
CA ARG A 101 -7.21 5.01 21.50
C ARG A 101 -8.52 5.21 20.73
N TYR A 102 -9.03 6.43 20.77
CA TYR A 102 -10.26 6.80 20.09
C TYR A 102 -9.99 7.97 19.15
N ASN A 103 -10.79 8.02 18.08
CA ASN A 103 -10.89 9.17 17.19
C ASN A 103 -11.93 10.10 17.78
N SER A 104 -11.51 11.24 18.33
CA SER A 104 -12.36 11.95 19.27
C SER A 104 -12.48 13.43 18.94
N ALA A 105 -13.49 14.06 19.54
CA ALA A 105 -13.72 15.50 19.43
C ALA A 105 -13.80 16.04 20.84
N ALA A 106 -13.12 17.16 21.09
CA ALA A 106 -13.17 17.82 22.38
C ALA A 106 -13.95 19.12 22.23
N VAL A 107 -14.77 19.40 23.25
CA VAL A 107 -15.44 20.69 23.39
C VAL A 107 -14.76 21.42 24.55
N MET A 108 -14.15 22.56 24.27
CA MET A 108 -13.30 23.25 25.22
C MET A 108 -13.66 24.73 25.27
N LYS A 109 -13.70 25.28 26.48
CA LYS A 109 -13.92 26.70 26.70
C LYS A 109 -13.15 27.15 27.93
N ASP A 110 -12.33 28.18 27.78
CA ASP A 110 -11.56 28.74 28.89
C ASP A 110 -10.76 27.66 29.61
N GLY A 111 -10.09 26.83 28.83
CA GLY A 111 -9.22 25.82 29.40
C GLY A 111 -9.92 24.67 30.08
N GLN A 112 -11.23 24.55 29.93
CA GLN A 112 -12.01 23.46 30.51
C GLN A 112 -12.55 22.57 29.40
N VAL A 113 -12.32 21.28 29.52
CA VAL A 113 -12.93 20.31 28.61
C VAL A 113 -14.35 20.08 29.08
N LEU A 114 -15.31 20.65 28.35
CA LEU A 114 -16.73 20.47 28.68
C LEU A 114 -17.23 19.08 28.32
N GLY A 115 -16.71 18.48 27.25
CA GLY A 115 -17.11 17.13 26.88
C GLY A 115 -16.15 16.55 25.87
N VAL A 116 -16.19 15.23 25.75
CA VAL A 116 -15.40 14.47 24.79
C VAL A 116 -16.35 13.51 24.09
N PHE A 117 -16.27 13.43 22.77
CA PHE A 117 -17.02 12.47 21.96
C PHE A 117 -16.04 11.53 21.27
N ASN A 118 -16.34 10.24 21.27
CA ASN A 118 -15.51 9.23 20.62
C ASN A 118 -16.28 8.66 19.44
N LYS A 119 -15.69 8.76 18.24
CA LYS A 119 -16.36 8.37 17.01
C LYS A 119 -16.88 6.95 17.09
N HIS A 120 -18.16 6.76 16.69
CA HIS A 120 -18.84 5.47 16.81
C HIS A 120 -18.56 4.54 15.62
N ASN A 121 -18.51 5.09 14.41
CA ASN A 121 -18.44 4.32 13.18
C ASN A 121 -17.06 4.53 12.56
N LEU A 122 -16.17 3.54 12.70
CA LEU A 122 -14.79 3.63 12.22
C LEU A 122 -14.69 3.07 10.80
N PRO A 123 -14.56 3.90 9.77
CA PRO A 123 -14.47 3.36 8.40
C PRO A 123 -13.22 2.52 8.21
N ASN A 124 -13.40 1.32 7.67
CA ASN A 124 -12.30 0.43 7.32
C ASN A 124 -12.57 -0.16 5.94
N TYR A 125 -12.79 0.72 4.97
CA TYR A 125 -13.08 0.35 3.60
C TYR A 125 -12.42 1.39 2.71
N GLY A 126 -12.19 1.01 1.46
CA GLY A 126 -11.68 1.98 0.50
C GLY A 126 -10.37 2.60 0.95
N VAL A 127 -10.38 3.93 1.13
CA VAL A 127 -9.18 4.67 1.52
C VAL A 127 -8.98 4.73 3.03
N PHE A 128 -9.86 4.10 3.82
CA PHE A 128 -9.90 4.26 5.27
C PHE A 128 -9.43 2.99 5.96
N ASP A 129 -8.62 3.15 7.00
CA ASP A 129 -8.11 2.03 7.80
C ASP A 129 -8.21 2.32 9.29
N GLU A 130 -9.34 2.87 9.74
CA GLU A 130 -9.38 3.40 11.10
C GLU A 130 -9.39 2.30 12.16
N LYS A 131 -9.75 1.07 11.81
CA LYS A 131 -9.66 0.00 12.80
C LYS A 131 -8.23 -0.50 13.00
N ARG A 132 -7.28 0.01 12.20
CA ARG A 132 -5.87 -0.16 12.49
C ARG A 132 -5.43 0.67 13.69
N TYR A 133 -6.15 1.76 13.98
CA TYR A 133 -5.73 2.78 14.95
C TYR A 133 -6.67 2.97 16.14
N PHE A 134 -7.97 2.77 15.97
CA PHE A 134 -8.92 3.22 16.98
C PHE A 134 -9.88 2.11 17.40
N GLN A 135 -10.38 2.26 18.62
CA GLN A 135 -11.54 1.55 19.09
C GLN A 135 -12.75 2.46 18.97
N LYS A 136 -13.94 1.87 18.88
CA LYS A 136 -15.14 2.65 18.65
C LYS A 136 -15.74 3.18 19.95
N GLY A 137 -16.32 4.37 19.87
CA GLY A 137 -17.07 4.92 20.98
C GLY A 137 -18.51 4.39 21.03
N HIS A 138 -19.18 4.64 22.15
CA HIS A 138 -20.57 4.21 22.30
C HIS A 138 -21.49 5.30 22.80
N GLN A 139 -20.97 6.39 23.34
CA GLN A 139 -21.76 7.40 24.00
C GLN A 139 -21.86 8.64 23.11
N HIS A 140 -22.90 9.41 23.36
CA HIS A 140 -23.15 10.62 22.60
C HIS A 140 -22.76 11.81 23.44
N LEU A 141 -22.42 12.90 22.76
CA LEU A 141 -22.08 14.13 23.45
C LEU A 141 -23.07 15.18 23.00
N VAL A 142 -23.93 15.59 23.93
CA VAL A 142 -24.82 16.70 23.73
C VAL A 142 -24.50 17.72 24.80
N PHE A 143 -24.35 18.97 24.39
CA PHE A 143 -24.12 20.04 25.34
C PHE A 143 -25.01 21.22 24.96
N GLU A 144 -25.46 21.92 25.98
CA GLU A 144 -26.29 23.08 25.82
C GLU A 144 -25.44 24.32 25.98
N TYR A 145 -25.55 25.24 25.03
CA TYR A 145 -24.84 26.50 25.10
C TYR A 145 -25.81 27.57 24.65
N LEU A 146 -26.06 28.54 25.51
CA LEU A 146 -26.99 29.64 25.23
C LEU A 146 -28.36 29.13 24.78
N GLY A 147 -28.88 28.12 25.49
CA GLY A 147 -30.19 27.57 25.23
C GLY A 147 -30.29 26.71 23.99
N HIS A 148 -29.19 26.44 23.32
CA HIS A 148 -29.17 25.65 22.10
C HIS A 148 -28.50 24.32 22.40
N LYS A 149 -29.14 23.23 21.99
CA LYS A 149 -28.59 21.89 22.22
C LYS A 149 -27.74 21.48 21.03
N PHE A 150 -26.45 21.26 21.27
CA PHE A 150 -25.51 20.82 20.24
C PHE A 150 -25.20 19.34 20.44
N GLY A 151 -25.30 18.56 19.37
CA GLY A 151 -24.73 17.23 19.33
C GLY A 151 -23.45 17.26 18.54
N VAL A 152 -22.55 16.31 18.82
CA VAL A 152 -21.24 16.23 18.19
C VAL A 152 -21.09 14.87 17.53
N LEU A 153 -20.74 14.86 16.25
CA LEU A 153 -20.45 13.62 15.53
C LEU A 153 -19.21 13.81 14.66
N ILE A 154 -18.62 12.69 14.25
CA ILE A 154 -17.37 12.68 13.51
C ILE A 154 -17.57 11.91 12.21
N CYS A 155 -17.45 12.62 11.09
CA CYS A 155 -17.38 12.10 9.73
C CYS A 155 -18.36 10.97 9.44
N GLU A 156 -17.84 9.73 9.35
CA GLU A 156 -18.67 8.57 9.03
C GLU A 156 -19.91 8.47 9.92
N ASP A 157 -19.85 9.03 11.14
CA ASP A 157 -21.02 9.00 12.02
C ASP A 157 -22.24 9.65 11.36
N ILE A 158 -22.05 10.75 10.61
CA ILE A 158 -23.25 11.43 10.09
C ILE A 158 -23.91 10.64 8.97
N TRP A 159 -23.20 9.67 8.39
CA TRP A 159 -23.75 8.82 7.33
C TRP A 159 -24.32 7.52 7.89
N SER A 160 -24.32 7.33 9.21
CA SER A 160 -24.94 6.17 9.83
C SER A 160 -26.28 6.61 10.42
N ILE A 161 -27.37 6.23 9.75
CA ILE A 161 -28.70 6.71 10.15
C ILE A 161 -28.98 6.39 11.62
N ASN A 162 -28.64 5.17 12.06
CA ASN A 162 -28.89 4.77 13.44
C ASN A 162 -28.18 5.69 14.42
N THR A 163 -26.92 6.01 14.14
CA THR A 163 -26.18 6.92 15.00
C THR A 163 -26.84 8.29 15.07
N VAL A 164 -27.30 8.80 13.92
CA VAL A 164 -27.88 10.15 13.89
C VAL A 164 -29.27 10.16 14.53
N LYS A 165 -30.05 9.10 14.28
CA LYS A 165 -31.37 8.98 14.89
C LYS A 165 -31.29 9.00 16.41
N GLN A 166 -30.23 8.42 16.98
CA GLN A 166 -30.00 8.50 18.41
C GLN A 166 -29.89 9.95 18.88
N LEU A 167 -29.18 10.79 18.14
CA LEU A 167 -29.07 12.20 18.48
C LEU A 167 -30.41 12.91 18.32
N SER A 168 -31.19 12.51 17.31
CA SER A 168 -32.53 13.06 17.16
C SER A 168 -33.39 12.74 18.38
N GLN A 169 -33.23 11.53 18.94
CA GLN A 169 -34.02 11.15 20.11
C GLN A 169 -33.66 11.96 21.35
N LEU A 170 -32.48 12.57 21.37
CA LEU A 170 -32.06 13.45 22.47
C LEU A 170 -32.46 14.91 22.25
N ASN A 171 -33.23 15.19 21.18
CA ASN A 171 -33.75 16.53 20.90
C ASN A 171 -32.63 17.55 20.69
N VAL A 172 -31.60 17.13 19.96
CA VAL A 172 -30.57 18.06 19.55
C VAL A 172 -31.17 19.12 18.62
N ASP A 173 -30.65 20.35 18.73
CA ASP A 173 -31.01 21.42 17.79
C ASP A 173 -30.05 21.46 16.58
N THR A 174 -28.74 21.40 16.85
CA THR A 174 -27.74 21.44 15.79
C THR A 174 -26.76 20.31 16.02
N VAL A 175 -26.45 19.56 14.97
CA VAL A 175 -25.41 18.55 15.02
C VAL A 175 -24.14 19.15 14.45
N LEU A 176 -23.07 19.17 15.24
CA LEU A 176 -21.76 19.58 14.78
C LEU A 176 -21.01 18.34 14.30
N VAL A 177 -20.53 18.36 13.06
CA VAL A 177 -19.84 17.22 12.44
C VAL A 177 -18.43 17.66 12.05
N LEU A 178 -17.43 16.98 12.58
CA LEU A 178 -16.05 17.15 12.18
C LEU A 178 -15.73 16.10 11.12
N ASN A 179 -15.08 16.51 10.02
CA ASN A 179 -14.86 15.59 8.89
C ASN A 179 -13.44 15.72 8.32
N SER A 180 -12.89 14.57 7.94
CA SER A 180 -11.77 14.48 7.00
C SER A 180 -12.28 13.66 5.83
N SER A 181 -13.16 14.28 5.04
CA SER A 181 -13.87 13.59 3.98
C SER A 181 -13.11 13.83 2.68
N PRO A 182 -12.51 12.80 2.09
CA PRO A 182 -11.70 13.02 0.89
C PRO A 182 -12.57 13.35 -0.31
N TYR A 183 -11.97 14.06 -1.27
CA TYR A 183 -12.67 14.46 -2.49
C TYR A 183 -12.76 13.31 -3.50
N GLU A 184 -13.91 13.25 -4.20
CA GLU A 184 -14.06 12.54 -5.47
C GLU A 184 -15.11 13.28 -6.27
N VAL A 185 -15.03 13.16 -7.60
CA VAL A 185 -15.85 13.99 -8.47
C VAL A 185 -17.33 13.83 -8.09
N GLY A 186 -18.03 14.96 -7.98
CA GLY A 186 -19.45 14.97 -7.65
C GLY A 186 -19.77 14.93 -6.16
N LYS A 187 -18.81 14.52 -5.33
CA LYS A 187 -19.08 14.39 -3.90
C LYS A 187 -19.38 15.71 -3.20
N PRO A 188 -18.67 16.81 -3.48
CA PRO A 188 -18.98 18.07 -2.77
C PRO A 188 -20.44 18.45 -2.81
N GLN A 189 -21.10 18.34 -3.97
CA GLN A 189 -22.51 18.67 -4.03
C GLN A 189 -23.38 17.54 -3.49
N HIS A 190 -22.98 16.30 -3.70
CA HIS A 190 -23.75 15.17 -3.19
C HIS A 190 -23.87 15.21 -1.67
N ARG A 191 -22.79 15.60 -0.97
CA ARG A 191 -22.86 15.74 0.49
C ARG A 191 -23.97 16.70 0.91
N LYS A 192 -24.07 17.83 0.21
CA LYS A 192 -25.08 18.82 0.56
C LYS A 192 -26.48 18.27 0.34
N GLN A 193 -26.72 17.60 -0.78
CA GLN A 193 -28.07 17.10 -1.04
C GLN A 193 -28.46 16.06 0.00
N THR A 194 -27.56 15.15 0.33
CA THR A 194 -27.92 14.06 1.23
C THR A 194 -28.13 14.55 2.65
N LEU A 195 -27.22 15.37 3.17
CA LEU A 195 -27.33 15.83 4.54
C LEU A 195 -28.38 16.92 4.72
N SER A 196 -28.74 17.66 3.68
CA SER A 196 -29.87 18.57 3.80
CA SER A 196 -29.87 18.57 3.78
C SER A 196 -31.17 17.79 3.94
N GLU A 197 -31.32 16.69 3.22
CA GLU A 197 -32.52 15.88 3.36
C GLU A 197 -32.56 15.17 4.71
N LEU A 198 -31.39 14.75 5.21
CA LEU A 198 -31.35 14.18 6.55
C LEU A 198 -31.71 15.24 7.60
N ALA A 199 -31.19 16.45 7.44
CA ALA A 199 -31.57 17.54 8.32
C ALA A 199 -33.07 17.75 8.32
N LYS A 200 -33.70 17.73 7.15
CA LYS A 200 -35.15 17.92 7.05
C LYS A 200 -35.90 16.74 7.68
N GLN A 201 -35.43 15.51 7.43
CA GLN A 201 -36.09 14.32 7.96
C GLN A 201 -36.08 14.32 9.47
N LEU A 202 -34.96 14.72 10.09
CA LEU A 202 -34.79 14.60 11.52
C LEU A 202 -35.01 15.90 12.27
N HIS A 203 -35.40 16.97 11.57
CA HIS A 203 -35.72 18.26 12.19
C HIS A 203 -34.57 18.73 13.07
N LEU A 204 -33.37 18.76 12.49
CA LEU A 204 -32.21 19.32 13.16
C LEU A 204 -31.34 20.00 12.12
N ASN A 205 -30.56 20.98 12.58
CA ASN A 205 -29.55 21.61 11.74
C ASN A 205 -28.27 20.78 11.76
N ILE A 206 -27.48 20.90 10.68
CA ILE A 206 -26.20 20.18 10.57
C ILE A 206 -25.11 21.18 10.19
N VAL A 207 -24.08 21.28 11.03
CA VAL A 207 -22.89 22.07 10.77
C VAL A 207 -21.82 21.09 10.33
N TYR A 208 -21.46 21.15 9.05
CA TYR A 208 -20.57 20.17 8.43
C TYR A 208 -19.24 20.86 8.10
N VAL A 209 -18.20 20.57 8.89
CA VAL A 209 -16.87 21.16 8.69
C VAL A 209 -15.94 20.09 8.15
N ASN A 210 -15.25 20.40 7.05
CA ASN A 210 -14.39 19.46 6.37
C ASN A 210 -12.98 20.03 6.18
N GLN A 211 -12.01 19.15 6.36
CA GLN A 211 -10.62 19.41 6.06
C GLN A 211 -10.44 19.79 4.59
N VAL A 212 -9.39 20.57 4.29
CA VAL A 212 -9.11 20.93 2.91
C VAL A 212 -7.61 20.82 2.63
N GLY A 213 -7.27 20.53 1.39
CA GLY A 213 -5.89 20.49 0.93
C GLY A 213 -5.47 19.15 0.34
N GLY A 214 -4.39 19.14 -0.43
CA GLY A 214 -3.84 17.88 -0.91
C GLY A 214 -2.95 17.26 0.16
N GLN A 215 -2.97 15.92 0.25
CA GLN A 215 -2.10 15.21 1.18
C GLN A 215 -1.75 13.89 0.54
N ASP A 216 -0.50 13.73 0.09
CA ASP A 216 -0.01 12.47 -0.50
C ASP A 216 -0.91 12.09 -1.69
N ASP A 217 -1.59 10.94 -1.67
CA ASP A 217 -2.42 10.46 -2.75
C ASP A 217 -3.86 10.98 -2.68
N LEU A 218 -4.20 11.80 -1.68
CA LEU A 218 -5.58 12.20 -1.47
C LEU A 218 -5.76 13.70 -1.69
N ILE A 219 -6.98 14.07 -2.04
CA ILE A 219 -7.42 15.45 -2.08
C ILE A 219 -8.55 15.60 -1.05
N PHE A 220 -8.50 16.67 -0.26
CA PHE A 220 -9.60 17.06 0.62
C PHE A 220 -10.14 18.40 0.12
N ASP A 221 -11.41 18.41 -0.27
CA ASP A 221 -11.98 19.54 -0.98
C ASP A 221 -12.54 20.61 -0.04
N GLY A 222 -12.70 20.31 1.25
CA GLY A 222 -13.39 21.29 2.09
C GLY A 222 -14.89 21.30 1.79
N THR A 223 -15.39 22.34 1.14
CA THR A 223 -16.81 22.49 0.80
C THR A 223 -17.69 22.29 2.04
N SER A 224 -17.27 22.90 3.15
CA SER A 224 -18.03 22.90 4.38
C SER A 224 -19.37 23.60 4.18
N PHE A 225 -20.35 23.25 5.02
CA PHE A 225 -21.65 23.90 4.87
C PHE A 225 -22.49 23.78 6.14
N VAL A 226 -23.54 24.59 6.19
CA VAL A 226 -24.55 24.54 7.24
C VAL A 226 -25.90 24.27 6.58
N SER A 227 -26.55 23.18 6.98
CA SER A 227 -27.90 22.87 6.54
C SER A 227 -28.89 23.13 7.66
N ASN A 228 -29.96 23.87 7.36
CA ASN A 228 -31.03 24.15 8.31
C ASN A 228 -31.96 22.96 8.44
N GLN A 229 -32.71 22.94 9.54
CA GLN A 229 -33.66 21.87 9.85
C GLN A 229 -34.83 21.81 8.89
N ASN A 230 -35.05 22.83 8.08
CA ASN A 230 -36.06 22.78 7.02
C ASN A 230 -35.50 22.19 5.73
N GLY A 231 -34.22 21.84 5.69
CA GLY A 231 -33.60 21.29 4.51
C GLY A 231 -32.92 22.27 3.60
N GLU A 232 -32.92 23.55 3.93
CA GLU A 232 -32.28 24.56 3.11
C GLU A 232 -30.85 24.78 3.56
N ILE A 233 -29.95 24.93 2.60
CA ILE A 233 -28.55 25.19 2.93
C ILE A 233 -28.40 26.66 3.29
N ALA A 234 -27.86 26.94 4.47
CA ALA A 234 -27.70 28.30 4.93
C ALA A 234 -26.37 28.90 4.53
N LEU A 235 -25.31 28.10 4.58
CA LEU A 235 -23.97 28.56 4.29
C LEU A 235 -23.25 27.51 3.47
N GLN A 236 -22.51 27.96 2.46
CA GLN A 236 -21.79 27.09 1.54
C GLN A 236 -20.39 27.65 1.34
N ALA A 237 -19.37 26.91 1.82
CA ALA A 237 -18.00 27.27 1.56
C ALA A 237 -17.58 26.74 0.19
N PRO A 238 -16.71 27.44 -0.52
CA PRO A 238 -16.20 26.93 -1.78
C PRO A 238 -15.33 25.70 -1.58
N SER A 239 -15.17 24.95 -2.66
CA SER A 239 -14.21 23.86 -2.69
C SER A 239 -12.79 24.41 -2.78
N PHE A 240 -11.87 23.68 -2.14
CA PHE A 240 -10.42 23.84 -2.32
C PHE A 240 -9.87 25.15 -1.76
N LYS A 241 -10.55 25.75 -0.79
CA LYS A 241 -10.09 26.97 -0.17
C LYS A 241 -9.96 26.77 1.33
N GLU A 242 -8.92 27.34 1.91
CA GLU A 242 -8.71 27.33 3.35
C GLU A 242 -9.19 28.67 3.87
N ASP A 243 -10.16 28.63 4.79
CA ASP A 243 -10.74 29.87 5.28
C ASP A 243 -11.61 29.58 6.50
N LEU A 244 -12.09 30.65 7.12
CA LEU A 244 -13.01 30.62 8.24
C LEU A 244 -14.34 31.19 7.78
N TYR A 245 -15.41 30.42 7.92
CA TYR A 245 -16.75 30.83 7.49
C TYR A 245 -17.66 30.93 8.72
N ILE A 246 -18.45 32.01 8.80
CA ILE A 246 -19.27 32.29 9.96
C ILE A 246 -20.74 32.12 9.60
N ALA A 247 -21.46 31.31 10.37
CA ALA A 247 -22.91 31.17 10.27
C ALA A 247 -23.57 31.79 11.50
N GLU A 248 -24.77 32.36 11.29
CA GLU A 248 -25.49 33.12 12.31
C GLU A 248 -26.85 32.48 12.56
N PHE A 249 -27.10 32.08 13.79
CA PHE A 249 -28.37 31.47 14.15
C PHE A 249 -29.37 32.55 14.56
N ASP A 250 -30.55 32.49 13.97
CA ASP A 250 -31.60 33.47 14.23
C ASP A 250 -32.53 32.92 15.31
N ARG A 251 -32.48 33.55 16.49
CA ARG A 251 -33.32 33.13 17.60
C ARG A 251 -34.81 33.10 17.23
N ASP A 252 -35.28 34.10 16.48
CA ASP A 252 -36.71 34.20 16.19
C ASP A 252 -37.18 33.08 15.25
N THR A 253 -36.45 32.86 14.15
CA THR A 253 -36.84 31.87 13.17
C THR A 253 -36.37 30.47 13.51
N LYS A 254 -35.46 30.32 14.47
CA LYS A 254 -34.87 29.02 14.82
C LYS A 254 -34.13 28.41 13.64
N LEU A 255 -33.51 29.24 12.81
CA LEU A 255 -32.77 28.79 11.65
C LEU A 255 -31.50 29.62 11.53
N TYR A 256 -30.53 29.10 10.80
CA TYR A 256 -29.35 29.87 10.47
C TYR A 256 -29.67 30.76 9.28
N LYS A 257 -29.15 31.99 9.31
CA LYS A 257 -29.42 32.93 8.24
C LYS A 257 -28.83 32.41 6.93
N VAL A 258 -29.60 32.51 5.85
CA VAL A 258 -29.16 32.01 4.56
C VAL A 258 -28.20 33.02 3.95
N VAL A 259 -27.02 32.55 3.56
CA VAL A 259 -25.96 33.40 3.01
C VAL A 259 -25.77 33.07 1.54
N GLU A 260 -25.84 34.09 0.68
CA GLU A 260 -25.72 33.90 -0.76
C GLU A 260 -24.35 33.36 -1.13
N SER A 261 -24.33 32.38 -2.03
CA SER A 261 -23.08 31.82 -2.55
C SER A 261 -23.11 31.74 -4.07
N ALA A 262 -21.92 31.66 -4.65
CA ALA A 262 -21.77 31.50 -6.08
C ALA A 262 -22.32 30.15 -6.53
N PRO A 263 -22.62 29.99 -7.82
CA PRO A 263 -23.07 28.68 -8.30
C PRO A 263 -21.99 27.62 -8.10
N ALA A 264 -22.45 26.38 -7.94
CA ALA A 264 -21.53 25.27 -7.82
C ALA A 264 -20.69 25.15 -9.09
N LEU A 265 -19.44 24.74 -8.91
CA LEU A 265 -18.56 24.49 -10.03
C LEU A 265 -19.12 23.43 -10.95
N GLU A 266 -18.90 23.60 -12.25
CA GLU A 266 -19.12 22.53 -13.20
C GLU A 266 -18.16 21.37 -12.93
N THR A 267 -18.57 20.17 -13.39
CA THR A 267 -17.84 18.94 -13.10
C THR A 267 -16.36 19.08 -13.39
N PHE A 268 -16.01 19.55 -14.59
CA PHE A 268 -14.60 19.55 -14.96
C PHE A 268 -13.84 20.68 -14.32
N ALA A 269 -14.50 21.82 -14.08
CA ALA A 269 -13.90 22.91 -13.30
C ALA A 269 -13.51 22.44 -11.89
N GLU A 270 -14.36 21.64 -11.27
CA GLU A 270 -14.08 21.13 -9.93
C GLU A 270 -12.88 20.19 -9.92
N ILE A 271 -12.85 19.21 -10.85
CA ILE A 271 -11.69 18.32 -10.96
C ILE A 271 -10.42 19.14 -11.16
N TYR A 272 -10.45 20.06 -12.14
CA TYR A 272 -9.27 20.84 -12.48
C TYR A 272 -8.72 21.57 -11.26
N GLN A 273 -9.58 22.28 -10.53
CA GLN A 273 -9.13 22.99 -9.33
C GLN A 273 -8.56 22.04 -8.28
N GLY A 274 -9.13 20.84 -8.16
CA GLY A 274 -8.58 19.88 -7.21
C GLY A 274 -7.16 19.46 -7.58
N LEU A 275 -6.92 19.23 -8.87
CA LEU A 275 -5.60 18.81 -9.33
C LEU A 275 -4.57 19.93 -9.17
N VAL A 276 -4.95 21.18 -9.48
CA VAL A 276 -4.06 22.30 -9.21
C VAL A 276 -3.70 22.36 -7.72
N MET A 277 -4.71 22.28 -6.85
CA MET A 277 -4.46 22.37 -5.42
C MET A 277 -3.55 21.23 -4.94
N ALA A 278 -3.83 20.00 -5.37
CA ALA A 278 -3.03 18.88 -4.91
C ALA A 278 -1.58 19.03 -5.38
N THR A 279 -1.40 19.48 -6.62
CA THR A 279 -0.05 19.68 -7.16
C THR A 279 0.70 20.74 -6.37
N ARG A 280 0.05 21.90 -6.14
CA ARG A 280 0.64 22.95 -5.31
C ARG A 280 1.04 22.41 -3.94
N ASP A 281 0.12 21.71 -3.27
CA ASP A 281 0.38 21.26 -1.91
C ASP A 281 1.54 20.26 -1.86
N TYR A 282 1.58 19.29 -2.78
CA TYR A 282 2.70 18.35 -2.76
C TYR A 282 4.03 19.07 -3.02
N VAL A 283 4.03 19.99 -3.97
CA VAL A 283 5.24 20.75 -4.27
C VAL A 283 5.68 21.56 -3.06
N GLU A 284 4.76 22.34 -2.48
CA GLU A 284 5.17 23.26 -1.43
C GLU A 284 5.51 22.53 -0.13
N ARG A 285 4.72 21.52 0.23
CA ARG A 285 4.94 20.84 1.51
C ARG A 285 6.18 19.96 1.45
N SER A 286 6.56 19.50 0.26
CA SER A 286 7.84 18.81 0.15
C SER A 286 9.00 19.78 -0.01
N GLY A 287 8.71 21.08 -0.12
CA GLY A 287 9.76 22.07 -0.22
C GLY A 287 10.56 22.10 -1.52
N PHE A 288 9.95 21.77 -2.66
CA PHE A 288 10.63 21.81 -3.97
C PHE A 288 10.73 23.24 -4.50
N PRO A 289 11.85 23.63 -5.11
CA PRO A 289 11.93 24.96 -5.75
C PRO A 289 11.06 25.09 -6.99
N GLY A 290 10.75 23.98 -7.63
CA GLY A 290 9.93 24.01 -8.83
C GLY A 290 9.68 22.60 -9.33
N VAL A 291 9.17 22.52 -10.56
CA VAL A 291 8.85 21.25 -11.19
C VAL A 291 9.39 21.24 -12.61
N ILE A 292 9.61 20.04 -13.13
CA ILE A 292 10.08 19.85 -14.50
C ILE A 292 9.28 18.71 -15.12
N LEU A 293 9.03 18.79 -16.42
CA LEU A 293 8.33 17.71 -17.09
C LEU A 293 8.71 17.65 -18.55
N GLY A 294 8.64 16.45 -19.12
CA GLY A 294 8.80 16.27 -20.55
C GLY A 294 7.54 16.72 -21.28
N LEU A 295 7.71 17.54 -22.30
CA LEU A 295 6.62 18.00 -23.15
C LEU A 295 6.70 17.21 -24.46
N SER A 296 5.66 16.42 -24.75
CA SER A 296 5.69 15.57 -25.93
C SER A 296 4.95 16.17 -27.11
N GLY A 297 4.31 17.33 -26.93
CA GLY A 297 3.36 17.80 -27.93
C GLY A 297 2.00 17.16 -27.80
N GLY A 298 1.86 16.11 -26.94
CA GLY A 298 0.60 15.44 -26.71
C GLY A 298 -0.21 16.09 -25.61
N ILE A 299 -1.46 15.65 -25.49
CA ILE A 299 -2.40 16.37 -24.64
C ILE A 299 -2.10 16.14 -23.16
N ASP A 300 -1.62 14.94 -22.78
CA ASP A 300 -1.36 14.67 -21.37
C ASP A 300 -0.33 15.64 -20.80
N SER A 301 0.80 15.80 -21.50
CA SER A 301 1.84 16.68 -20.96
C SER A 301 1.42 18.14 -21.09
N ALA A 302 0.67 18.48 -22.15
CA ALA A 302 0.18 19.84 -22.29
C ALA A 302 -0.75 20.22 -21.13
N LEU A 303 -1.63 19.30 -20.75
CA LEU A 303 -2.51 19.55 -19.61
C LEU A 303 -1.71 19.63 -18.31
N THR A 304 -0.77 18.70 -18.10
CA THR A 304 0.02 18.72 -16.88
C THR A 304 0.80 20.02 -16.76
N LEU A 305 1.32 20.52 -17.88
CA LEU A 305 2.01 21.80 -17.89
C LEU A 305 1.10 22.92 -17.40
N ALA A 306 -0.12 23.00 -17.94
CA ALA A 306 -1.06 24.03 -17.49
C ALA A 306 -1.37 23.90 -16.00
N ILE A 307 -1.58 22.68 -15.52
CA ILE A 307 -1.88 22.48 -14.10
C ILE A 307 -0.69 22.94 -13.25
N ALA A 308 0.52 22.58 -13.68
CA ALA A 308 1.73 22.98 -12.94
C ALA A 308 1.86 24.50 -12.88
N VAL A 309 1.62 25.18 -14.00
CA VAL A 309 1.72 26.63 -14.05
C VAL A 309 0.67 27.28 -13.15
N ASP A 310 -0.59 26.82 -13.25
CA ASP A 310 -1.64 27.33 -12.38
C ASP A 310 -1.31 27.07 -10.93
N ALA A 311 -0.61 25.96 -10.65
CA ALA A 311 -0.33 25.58 -9.27
C ALA A 311 0.69 26.51 -8.63
N ILE A 312 1.86 26.70 -9.26
CA ILE A 312 2.99 27.37 -8.62
C ILE A 312 3.56 28.51 -9.43
N GLY A 313 2.97 28.85 -10.59
CA GLY A 313 3.48 29.96 -11.37
C GLY A 313 4.53 29.55 -12.40
N ALA A 314 4.49 30.18 -13.58
CA ALA A 314 5.35 29.75 -14.68
C ALA A 314 6.84 29.86 -14.34
N GLU A 315 7.23 30.82 -13.49
CA GLU A 315 8.64 30.98 -13.14
C GLU A 315 9.22 29.77 -12.43
N ARG A 316 8.39 28.87 -11.89
CA ARG A 316 8.89 27.70 -11.18
C ARG A 316 8.65 26.41 -11.98
N VAL A 317 8.35 26.52 -13.27
CA VAL A 317 8.04 25.36 -14.10
C VAL A 317 9.04 25.30 -15.24
N GLN A 318 9.51 24.09 -15.52
CA GLN A 318 10.44 23.86 -16.62
C GLN A 318 9.89 22.77 -17.52
N ALA A 319 10.07 22.95 -18.83
CA ALA A 319 9.60 21.96 -19.79
C ALA A 319 10.74 21.57 -20.72
N VAL A 320 10.83 20.28 -21.04
CA VAL A 320 11.85 19.79 -21.95
C VAL A 320 11.19 18.93 -23.01
N MET A 321 11.42 19.28 -24.27
CA MET A 321 11.02 18.46 -25.40
C MET A 321 12.22 17.60 -25.82
N MET A 322 12.01 16.29 -25.92
CA MET A 322 13.07 15.33 -26.16
C MET A 322 12.73 14.51 -27.40
N PRO A 323 12.88 15.09 -28.59
CA PRO A 323 12.51 14.37 -29.81
C PRO A 323 13.49 13.24 -30.12
N TYR A 324 12.98 12.26 -30.87
CA TYR A 324 13.79 11.22 -31.48
C TYR A 324 13.46 11.23 -32.97
N THR A 325 13.84 10.16 -33.69
CA THR A 325 13.78 10.15 -35.16
C THR A 325 12.38 10.46 -35.67
N TYR A 326 11.35 9.80 -35.13
CA TYR A 326 9.99 9.94 -35.61
C TYR A 326 9.18 10.97 -34.83
N THR A 327 9.83 11.95 -34.21
CA THR A 327 9.13 13.02 -33.50
C THR A 327 8.79 14.12 -34.49
N SER A 328 7.49 14.31 -34.73
CA SER A 328 7.03 15.25 -35.75
C SER A 328 7.46 16.67 -35.42
N GLN A 329 7.71 17.46 -36.49
CA GLN A 329 8.01 18.87 -36.31
C GLN A 329 6.80 19.60 -35.70
N ILE A 330 5.60 19.14 -36.03
CA ILE A 330 4.38 19.71 -35.45
C ILE A 330 4.39 19.54 -33.93
N SER A 331 4.84 18.38 -33.45
CA SER A 331 4.91 18.15 -32.02
C SER A 331 5.84 19.14 -31.34
N VAL A 332 7.01 19.40 -31.95
CA VAL A 332 7.96 20.30 -31.33
C VAL A 332 7.42 21.73 -31.31
N GLU A 333 6.72 22.12 -32.38
CA GLU A 333 6.16 23.47 -32.43
C GLU A 333 5.04 23.66 -31.42
N ASP A 334 4.14 22.68 -31.28
CA ASP A 334 3.05 22.83 -30.32
C ASP A 334 3.58 22.88 -28.89
N ALA A 335 4.58 22.05 -28.57
CA ALA A 335 5.19 22.13 -27.24
C ALA A 335 5.84 23.48 -27.04
N ALA A 336 6.62 23.97 -28.01
CA ALA A 336 7.28 25.25 -27.85
C ALA A 336 6.28 26.38 -27.70
N GLU A 337 5.20 26.35 -28.49
CA GLU A 337 4.24 27.44 -28.49
C GLU A 337 3.48 27.52 -27.15
N GLN A 338 3.10 26.37 -26.58
CA GLN A 338 2.45 26.42 -25.27
C GLN A 338 3.42 26.95 -24.21
N ALA A 339 4.69 26.52 -24.26
CA ALA A 339 5.66 27.03 -23.31
C ALA A 339 5.79 28.54 -23.41
N ARG A 340 5.88 29.05 -24.63
CA ARG A 340 5.98 30.50 -24.83
C ARG A 340 4.72 31.20 -24.33
N ARG A 341 3.55 30.67 -24.69
CA ARG A 341 2.29 31.29 -24.28
C ARG A 341 2.17 31.35 -22.76
N MET A 342 2.65 30.32 -22.08
CA MET A 342 2.51 30.27 -20.64
C MET A 342 3.70 30.86 -19.90
N GLY A 343 4.73 31.29 -20.62
CA GLY A 343 5.90 31.89 -19.99
C GLY A 343 6.83 30.90 -19.33
N VAL A 344 6.86 29.65 -19.81
CA VAL A 344 7.62 28.58 -19.18
C VAL A 344 8.95 28.41 -19.89
N THR A 345 10.02 28.23 -19.12
CA THR A 345 11.32 27.90 -19.68
C THR A 345 11.22 26.61 -20.46
N PHE A 346 11.80 26.60 -21.66
CA PHE A 346 11.64 25.50 -22.60
C PHE A 346 12.99 25.14 -23.21
N GLY A 347 13.32 23.84 -23.18
CA GLY A 347 14.54 23.36 -23.81
C GLY A 347 14.28 22.10 -24.62
N ILE A 348 15.21 21.83 -25.54
CA ILE A 348 15.13 20.69 -26.43
C ILE A 348 16.38 19.83 -26.24
N ALA A 349 16.18 18.56 -25.94
CA ALA A 349 17.25 17.60 -25.69
C ALA A 349 17.04 16.39 -26.60
N GLU A 350 17.75 16.33 -27.71
CA GLU A 350 17.62 15.22 -28.63
C GLU A 350 18.23 13.96 -28.01
N ILE A 351 17.59 12.82 -28.25
CA ILE A 351 18.00 11.58 -27.63
C ILE A 351 18.58 10.59 -28.64
N HIS A 352 18.75 11.00 -29.91
CA HIS A 352 19.18 10.08 -30.95
CA HIS A 352 19.14 10.02 -30.91
C HIS A 352 20.49 9.38 -30.57
N SER A 353 21.47 10.19 -30.15
CA SER A 353 22.77 9.64 -29.80
C SER A 353 22.70 8.72 -28.59
N ILE A 354 21.92 9.10 -27.57
CA ILE A 354 21.79 8.23 -26.40
C ILE A 354 21.21 6.88 -26.80
N VAL A 355 20.10 6.89 -27.56
CA VAL A 355 19.46 5.65 -27.96
C VAL A 355 20.40 4.82 -28.82
N ASN A 356 21.11 5.46 -29.76
CA ASN A 356 22.06 4.74 -30.59
C ASN A 356 23.14 4.05 -29.75
N SER A 357 23.63 4.72 -28.68
CA SER A 357 24.62 4.08 -27.81
C SER A 357 24.05 2.84 -27.12
N PHE A 358 22.83 2.94 -26.57
CA PHE A 358 22.18 1.77 -26.00
C PHE A 358 22.11 0.63 -27.01
N MET A 359 21.69 0.93 -28.25
CA MET A 359 21.54 -0.11 -29.26
C MET A 359 22.86 -0.78 -29.56
N GLN A 360 23.93 0.01 -29.70
CA GLN A 360 25.25 -0.56 -29.96
C GLN A 360 25.68 -1.51 -28.83
N THR A 361 25.41 -1.13 -27.57
CA THR A 361 25.78 -1.97 -26.45
C THR A 361 24.94 -3.24 -26.39
N LEU A 362 23.65 -3.14 -26.71
CA LEU A 362 22.76 -4.29 -26.67
C LEU A 362 22.95 -5.23 -27.86
N TYR A 363 23.51 -4.75 -28.97
CA TYR A 363 23.56 -5.54 -30.20
C TYR A 363 24.04 -6.98 -30.02
N PRO A 364 25.16 -7.27 -29.34
CA PRO A 364 25.59 -8.68 -29.24
C PRO A 364 24.68 -9.55 -28.38
N PHE A 365 23.83 -8.95 -27.54
CA PHE A 365 22.83 -9.75 -26.83
C PHE A 365 21.60 -9.96 -27.69
N PHE A 366 21.12 -8.91 -28.34
CA PHE A 366 19.96 -9.03 -29.21
C PHE A 366 20.28 -9.91 -30.42
N GLY A 367 21.43 -9.70 -31.03
CA GLY A 367 21.76 -10.45 -32.23
C GLY A 367 20.82 -10.04 -33.33
N ASN A 368 20.17 -11.04 -33.93
CA ASN A 368 19.22 -10.83 -35.01
C ASN A 368 17.79 -11.14 -34.58
N SER A 369 17.51 -11.06 -33.29
CA SER A 369 16.15 -10.98 -32.81
C SER A 369 15.46 -9.77 -33.44
N PRO A 370 14.21 -9.92 -33.91
CA PRO A 370 13.54 -8.79 -34.56
C PRO A 370 13.12 -7.70 -33.59
N ALA A 371 13.18 -6.46 -34.09
CA ALA A 371 12.83 -5.29 -33.29
C ALA A 371 11.38 -5.35 -32.83
N ASP A 372 11.12 -4.75 -31.67
CA ASP A 372 9.79 -4.82 -31.07
C ASP A 372 9.63 -3.64 -30.10
N ALA A 373 8.84 -3.84 -29.03
CA ALA A 373 8.65 -2.79 -28.04
C ALA A 373 9.97 -2.44 -27.34
N THR A 374 10.90 -3.38 -27.26
CA THR A 374 12.18 -3.14 -26.59
C THR A 374 12.82 -1.85 -27.08
N GLU A 375 12.92 -1.68 -28.40
CA GLU A 375 13.62 -0.51 -28.94
C GLU A 375 12.92 0.79 -28.59
N GLU A 376 11.59 0.81 -28.64
CA GLU A 376 10.87 2.03 -28.29
C GLU A 376 10.92 2.31 -26.80
N ASN A 377 10.99 1.26 -25.97
CA ASN A 377 11.10 1.49 -24.54
C ASN A 377 12.38 2.23 -24.18
N LEU A 378 13.46 1.98 -24.92
CA LEU A 378 14.72 2.67 -24.70
C LEU A 378 14.55 4.19 -24.84
N GLN A 379 13.75 4.61 -25.81
CA GLN A 379 13.50 6.04 -25.99
C GLN A 379 12.83 6.62 -24.75
N ALA A 380 11.79 5.95 -24.25
CA ALA A 380 11.12 6.43 -23.05
C ALA A 380 12.11 6.49 -21.89
N ARG A 381 12.98 5.48 -21.79
CA ARG A 381 13.93 5.42 -20.68
C ARG A 381 15.03 6.46 -20.82
N ALA A 382 15.48 6.76 -22.05
CA ALA A 382 16.42 7.85 -22.23
C ALA A 382 15.83 9.16 -21.72
N ARG A 383 14.57 9.43 -22.06
CA ARG A 383 13.91 10.66 -21.62
C ARG A 383 13.81 10.74 -20.10
N GLY A 384 13.38 9.65 -19.46
CA GLY A 384 13.26 9.64 -18.01
C GLY A 384 14.58 9.85 -17.32
N THR A 385 15.64 9.22 -17.84
CA THR A 385 16.96 9.43 -17.26
C THR A 385 17.43 10.86 -17.47
N LEU A 386 17.13 11.46 -18.62
CA LEU A 386 17.49 12.86 -18.82
C LEU A 386 16.78 13.76 -17.82
N LEU A 387 15.46 13.58 -17.66
CA LEU A 387 14.72 14.41 -16.72
C LEU A 387 15.26 14.25 -15.30
N MET A 388 15.63 13.03 -14.92
CA MET A 388 16.17 12.81 -13.57
C MET A 388 17.59 13.35 -13.44
N GLY A 389 18.32 13.45 -14.55
CA GLY A 389 19.58 14.16 -14.50
C GLY A 389 19.38 15.63 -14.14
N LEU A 390 18.42 16.29 -14.80
CA LEU A 390 18.13 17.69 -14.50
C LEU A 390 17.56 17.84 -13.09
N SER A 391 16.69 16.91 -12.69
CA SER A 391 16.12 16.96 -11.34
C SER A 391 17.23 16.83 -10.29
N ASN A 392 18.08 15.80 -10.44
CA ASN A 392 19.19 15.59 -9.51
C ASN A 392 20.08 16.83 -9.41
N LYS A 393 20.36 17.48 -10.53
CA LYS A 393 21.32 18.59 -10.51
C LYS A 393 20.71 19.86 -9.92
N PHE A 394 19.47 20.21 -10.29
CA PHE A 394 18.91 21.50 -9.90
C PHE A 394 17.70 21.40 -8.98
N GLY A 395 17.19 20.20 -8.71
CA GLY A 395 16.23 20.02 -7.63
C GLY A 395 14.75 20.13 -7.98
N ASN A 396 14.38 20.28 -9.25
CA ASN A 396 12.95 20.30 -9.55
C ASN A 396 12.33 18.92 -9.40
N LEU A 397 11.11 18.89 -8.86
CA LEU A 397 10.29 17.69 -8.86
C LEU A 397 9.88 17.34 -10.28
N VAL A 398 10.07 16.08 -10.68
CA VAL A 398 9.62 15.64 -12.00
C VAL A 398 8.14 15.26 -11.93
N LEU A 399 7.33 15.88 -12.79
CA LEU A 399 5.91 15.55 -12.86
C LEU A 399 5.72 14.50 -13.94
N SER A 400 5.24 13.31 -13.58
CA SER A 400 4.94 12.32 -14.60
CA SER A 400 4.91 12.29 -14.56
C SER A 400 3.56 12.58 -15.19
N THR A 401 3.40 12.27 -16.48
CA THR A 401 2.21 12.67 -17.20
C THR A 401 1.33 11.49 -17.62
N GLY A 402 1.55 10.30 -17.06
CA GLY A 402 0.69 9.16 -17.39
C GLY A 402 -0.72 9.33 -16.85
N ASN A 403 -1.70 8.81 -17.59
CA ASN A 403 -3.09 8.92 -17.16
C ASN A 403 -3.65 7.57 -16.70
N LYS A 404 -4.90 7.58 -16.20
CA LYS A 404 -5.46 6.36 -15.63
C LYS A 404 -5.71 5.29 -16.68
N SER A 405 -6.10 5.68 -17.90
CA SER A 405 -6.33 4.69 -18.94
C SER A 405 -5.05 3.95 -19.27
N GLU A 406 -3.94 4.68 -19.37
CA GLU A 406 -2.64 4.07 -19.65
C GLU A 406 -2.20 3.17 -18.50
N LEU A 407 -2.32 3.67 -17.26
CA LEU A 407 -1.87 2.88 -16.11
C LEU A 407 -2.73 1.65 -15.91
N SER A 408 -3.99 1.70 -16.31
CA SER A 408 -4.87 0.54 -16.21
C SER A 408 -4.34 -0.64 -17.03
N VAL A 409 -3.97 -0.38 -18.29
CA VAL A 409 -3.69 -1.46 -19.21
C VAL A 409 -2.18 -1.62 -19.46
N GLY A 410 -1.35 -0.95 -18.66
CA GLY A 410 0.08 -1.05 -18.77
C GLY A 410 0.64 -0.39 -19.99
N TYR A 411 -0.05 0.59 -20.57
CA TYR A 411 0.45 1.30 -21.75
C TYR A 411 1.33 2.48 -21.31
N CYS A 412 2.33 2.09 -20.54
CA CYS A 412 3.37 2.98 -20.05
CA CYS A 412 3.37 2.98 -20.05
C CYS A 412 4.62 2.14 -19.88
N THR A 413 5.75 2.80 -19.70
CA THR A 413 7.02 2.10 -19.57
C THR A 413 7.61 2.34 -18.18
N LEU A 414 7.93 1.25 -17.50
CA LEU A 414 8.64 1.36 -16.24
C LEU A 414 9.95 2.08 -16.47
N TYR A 415 10.27 3.02 -15.57
CA TYR A 415 11.49 3.83 -15.60
C TYR A 415 11.62 4.68 -16.87
N GLY A 416 10.55 4.85 -17.64
CA GLY A 416 10.53 5.71 -18.81
C GLY A 416 9.58 6.89 -18.63
N ASP A 417 8.37 6.80 -19.20
CA ASP A 417 7.38 7.83 -18.98
C ASP A 417 6.66 7.67 -17.63
N MET A 418 6.92 6.59 -16.89
CA MET A 418 6.47 6.52 -15.50
C MET A 418 7.38 7.30 -14.56
N VAL A 419 8.52 7.79 -15.05
CA VAL A 419 9.46 8.52 -14.21
C VAL A 419 8.79 9.76 -13.64
N GLY A 420 8.94 9.98 -12.34
CA GLY A 420 8.43 11.18 -11.71
C GLY A 420 8.26 10.99 -10.21
N GLY A 421 8.10 12.12 -9.51
CA GLY A 421 7.83 12.09 -8.09
C GLY A 421 6.37 12.38 -7.74
N PHE A 422 5.60 12.86 -8.72
CA PHE A 422 4.17 13.10 -8.52
C PHE A 422 3.47 12.96 -9.86
N ALA A 423 2.39 12.19 -9.90
CA ALA A 423 1.71 11.85 -11.15
C ALA A 423 0.34 12.53 -11.14
N VAL A 424 0.31 13.73 -11.69
CA VAL A 424 -0.88 14.59 -11.60
C VAL A 424 -2.11 13.89 -12.15
N LEU A 425 -1.96 13.13 -13.24
CA LEU A 425 -3.08 12.58 -13.99
C LEU A 425 -3.32 11.10 -13.74
N LYS A 426 -2.69 10.52 -12.71
CA LYS A 426 -2.73 9.07 -12.58
C LYS A 426 -4.14 8.54 -12.34
N ASP A 427 -5.04 9.34 -11.75
CA ASP A 427 -6.41 8.87 -11.50
C ASP A 427 -7.40 9.48 -12.47
N VAL A 428 -6.91 10.07 -13.57
CA VAL A 428 -7.71 10.77 -14.58
C VAL A 428 -7.72 9.92 -15.85
N TYR A 429 -8.88 9.38 -16.21
CA TYR A 429 -9.02 8.67 -17.49
C TYR A 429 -8.75 9.63 -18.66
N LYS A 430 -8.22 9.05 -19.75
CA LYS A 430 -7.92 9.82 -20.95
C LYS A 430 -9.13 10.63 -21.43
N THR A 431 -10.31 10.02 -21.39
CA THR A 431 -11.56 10.73 -21.65
C THR A 431 -11.69 12.01 -20.83
N ILE A 432 -11.31 11.95 -19.55
CA ILE A 432 -11.42 13.13 -18.69
C ILE A 432 -10.32 14.13 -19.04
N VAL A 433 -9.16 13.64 -19.45
CA VAL A 433 -8.06 14.52 -19.83
C VAL A 433 -8.51 15.51 -20.91
N PHE A 434 -9.20 15.01 -21.94
CA PHE A 434 -9.67 15.89 -23.00
C PHE A 434 -10.59 16.97 -22.44
N GLU A 435 -11.51 16.59 -21.55
CA GLU A 435 -12.46 17.55 -21.01
C GLU A 435 -11.75 18.60 -20.16
N LEU A 436 -10.70 18.19 -19.43
CA LEU A 436 -9.96 19.14 -18.59
C LEU A 436 -9.18 20.13 -19.44
N ALA A 437 -8.62 19.68 -20.56
CA ALA A 437 -7.93 20.59 -21.48
C ALA A 437 -8.91 21.56 -22.10
N LYS A 438 -10.06 21.06 -22.57
CA LYS A 438 -11.10 21.97 -23.09
C LYS A 438 -11.52 22.97 -22.03
N TYR A 439 -11.75 22.51 -20.80
CA TYR A 439 -12.12 23.44 -19.74
C TYR A 439 -11.05 24.51 -19.54
N ARG A 440 -9.79 24.09 -19.41
CA ARG A 440 -8.73 25.06 -19.14
C ARG A 440 -8.59 26.08 -20.26
N ASN A 441 -8.77 25.66 -21.52
CA ASN A 441 -8.71 26.61 -22.62
C ASN A 441 -9.85 27.63 -22.55
N SER A 442 -11.02 27.22 -22.07
CA SER A 442 -12.16 28.12 -22.00
C SER A 442 -11.97 29.27 -21.02
N LEU A 443 -10.91 29.27 -20.22
CA LEU A 443 -10.69 30.31 -19.23
C LEU A 443 -9.95 31.53 -19.76
N SER A 444 -9.49 31.52 -21.01
CA SER A 444 -8.67 32.62 -21.49
C SER A 444 -9.01 32.91 -22.95
N GLU A 445 -8.86 34.19 -23.32
CA GLU A 445 -9.09 34.60 -24.70
C GLU A 445 -8.20 33.82 -25.65
N THR A 446 -6.94 33.61 -25.26
CA THR A 446 -6.02 32.82 -26.06
C THR A 446 -5.81 31.48 -25.39
N PRO A 447 -6.17 30.38 -26.04
CA PRO A 447 -5.99 29.05 -25.42
C PRO A 447 -4.54 28.80 -25.05
N VAL A 448 -4.32 28.27 -23.86
CA VAL A 448 -2.96 27.93 -23.47
C VAL A 448 -2.51 26.64 -24.13
N ILE A 449 -3.41 25.67 -24.28
CA ILE A 449 -3.12 24.42 -24.96
C ILE A 449 -3.52 24.58 -26.43
N PRO A 450 -2.58 24.54 -27.37
CA PRO A 450 -2.95 24.71 -28.78
C PRO A 450 -4.05 23.75 -29.19
N GLU A 451 -5.04 24.29 -29.91
CA GLU A 451 -6.25 23.53 -30.24
C GLU A 451 -5.91 22.27 -31.02
N ARG A 452 -4.81 22.30 -31.79
CA ARG A 452 -4.38 21.14 -32.55
C ARG A 452 -4.15 19.93 -31.65
N VAL A 453 -3.59 20.17 -30.46
CA VAL A 453 -3.30 19.11 -29.50
C VAL A 453 -4.57 18.40 -29.06
N ILE A 454 -5.66 19.16 -28.91
CA ILE A 454 -6.93 18.60 -28.48
C ILE A 454 -7.60 17.76 -29.57
N THR A 455 -7.15 17.88 -30.82
CA THR A 455 -7.71 17.08 -31.92
C THR A 455 -6.56 16.52 -32.78
N ARG A 456 -5.93 15.44 -32.31
CA ARG A 456 -4.84 14.79 -33.04
C ARG A 456 -5.25 13.46 -33.67
N SER A 471 28.21 11.80 6.20
CA SER A 471 28.81 10.47 6.24
C SER A 471 28.22 9.60 7.35
N LEU A 472 27.52 8.55 6.94
CA LEU A 472 26.86 7.65 7.86
C LEU A 472 27.88 6.73 8.55
N PRO A 473 27.50 6.14 9.68
CA PRO A 473 28.39 5.16 10.32
C PRO A 473 28.49 3.88 9.49
N ALA A 474 29.43 3.03 9.86
CA ALA A 474 29.53 1.72 9.22
C ALA A 474 28.25 0.92 9.46
N TYR A 475 28.09 -0.16 8.69
CA TYR A 475 26.81 -0.84 8.65
CA TYR A 475 26.82 -0.86 8.64
C TYR A 475 26.43 -1.48 9.99
N ASP A 476 27.41 -1.88 10.80
CA ASP A 476 27.05 -2.50 12.07
C ASP A 476 26.40 -1.49 13.02
N VAL A 477 26.94 -0.27 13.10
CA VAL A 477 26.28 0.77 13.86
C VAL A 477 25.00 1.22 13.18
N LEU A 478 25.07 1.49 11.87
CA LEU A 478 23.88 1.98 11.16
C LEU A 478 22.71 1.03 11.32
N ASP A 479 22.97 -0.28 11.18
CA ASP A 479 21.90 -1.28 11.22
C ASP A 479 21.33 -1.41 12.62
N ALA A 480 22.15 -1.21 13.65
CA ALA A 480 21.63 -1.20 15.01
C ALA A 480 20.67 -0.05 15.23
N ILE A 481 21.03 1.14 14.73
CA ILE A 481 20.15 2.31 14.86
C ILE A 481 18.86 2.12 14.06
N LEU A 482 18.98 1.62 12.83
CA LEU A 482 17.78 1.38 12.02
C LEU A 482 16.86 0.35 12.68
N TYR A 483 17.42 -0.72 13.21
CA TYR A 483 16.61 -1.70 13.94
C TYR A 483 15.86 -1.03 15.09
N ALA A 484 16.54 -0.13 15.80
CA ALA A 484 15.88 0.58 16.90
C ALA A 484 14.74 1.45 16.40
N TYR A 485 14.93 2.15 15.28
CA TYR A 485 13.92 3.07 14.80
C TYR A 485 12.78 2.33 14.08
N ILE A 486 13.09 1.24 13.39
CA ILE A 486 12.12 0.60 12.51
C ILE A 486 11.48 -0.56 13.25
N GLU A 487 12.20 -1.69 13.40
CA GLU A 487 11.62 -2.86 14.08
C GLU A 487 11.09 -2.51 15.47
N GLU A 488 11.84 -1.73 16.23
CA GLU A 488 11.46 -1.40 17.61
C GLU A 488 10.64 -0.12 17.72
N ASP A 489 10.52 0.66 16.64
CA ASP A 489 9.72 1.90 16.60
C ASP A 489 10.02 2.81 17.81
N LEU A 490 11.29 2.96 18.15
CA LEU A 490 11.68 3.81 19.27
C LEU A 490 11.88 5.25 18.81
N GLY A 491 11.58 6.19 19.71
CA GLY A 491 11.87 7.58 19.44
C GLY A 491 13.35 7.85 19.60
N GLN A 492 13.77 9.01 19.10
CA GLN A 492 15.21 9.27 19.02
C GLN A 492 15.88 9.26 20.39
N ALA A 493 15.21 9.79 21.42
CA ALA A 493 15.84 9.82 22.74
C ALA A 493 16.12 8.41 23.25
N ASP A 494 15.17 7.49 23.03
CA ASP A 494 15.37 6.12 23.49
C ASP A 494 16.46 5.40 22.68
N ILE A 495 16.60 5.72 21.40
CA ILE A 495 17.71 5.15 20.64
C ILE A 495 19.03 5.71 21.15
N ILE A 496 19.09 7.02 21.40
CA ILE A 496 20.31 7.62 21.93
C ILE A 496 20.69 6.99 23.28
N ALA A 497 19.68 6.73 24.13
CA ALA A 497 19.98 6.14 25.42
C ALA A 497 20.62 4.75 25.31
N LYS A 498 20.58 4.10 24.15
CA LYS A 498 21.28 2.84 23.99
C LYS A 498 22.80 3.01 23.94
N GLY A 499 23.28 4.23 23.79
CA GLY A 499 24.72 4.48 23.72
C GLY A 499 25.15 5.05 22.38
N PHE A 500 24.21 5.48 21.54
CA PHE A 500 24.58 6.02 20.24
C PHE A 500 24.68 7.54 20.31
N ASP A 501 25.51 8.11 19.44
CA ASP A 501 25.71 9.55 19.40
C ASP A 501 24.46 10.28 18.89
N LYS A 502 24.12 11.39 19.54
CA LYS A 502 22.87 12.08 19.30
C LYS A 502 22.76 12.58 17.86
N GLU A 503 23.78 13.28 17.37
CA GLU A 503 23.69 13.80 16.01
C GLU A 503 23.60 12.67 14.99
N VAL A 504 24.26 11.53 15.25
CA VAL A 504 24.20 10.41 14.33
C VAL A 504 22.78 9.84 14.26
N VAL A 505 22.15 9.63 15.42
CA VAL A 505 20.78 9.11 15.42
C VAL A 505 19.84 10.09 14.72
N GLU A 506 20.01 11.38 14.97
CA GLU A 506 19.15 12.38 14.36
C GLU A 506 19.27 12.37 12.84
N LYS A 507 20.51 12.25 12.34
CA LYS A 507 20.71 12.19 10.90
C LYS A 507 20.09 10.94 10.31
N VAL A 508 20.27 9.79 10.96
CA VAL A 508 19.71 8.56 10.42
C VAL A 508 18.19 8.64 10.35
N ILE A 509 17.56 9.12 11.43
CA ILE A 509 16.10 9.22 11.45
C ILE A 509 15.63 10.18 10.35
N ARG A 510 16.30 11.32 10.19
CA ARG A 510 15.94 12.25 9.11
C ARG A 510 15.97 11.54 7.76
N LEU A 511 17.05 10.79 7.49
CA LEU A 511 17.20 10.12 6.20
C LEU A 511 16.15 9.05 5.98
N VAL A 512 15.80 8.31 7.04
CA VAL A 512 14.74 7.31 6.90
C VAL A 512 13.43 7.99 6.48
N ASP A 513 13.01 9.04 7.22
CA ASP A 513 11.76 9.73 6.90
C ASP A 513 11.81 10.38 5.52
N ARG A 514 12.96 10.96 5.15
CA ARG A 514 13.04 11.67 3.88
C ARG A 514 12.95 10.73 2.68
N ASN A 515 13.24 9.45 2.87
CA ASN A 515 13.23 8.52 1.75
C ASN A 515 12.00 7.61 1.72
N GLU A 516 10.92 7.99 2.41
CA GLU A 516 9.66 7.28 2.24
C GLU A 516 9.19 7.33 0.78
N TYR A 517 9.23 8.49 0.14
CA TYR A 517 8.75 8.56 -1.25
C TYR A 517 9.52 7.58 -2.15
N LYS A 518 10.82 7.39 -1.89
CA LYS A 518 11.65 6.56 -2.76
C LYS A 518 11.34 5.08 -2.61
N ARG A 519 11.20 4.62 -1.36
CA ARG A 519 10.88 3.23 -1.10
C ARG A 519 9.59 2.80 -1.79
N ARG A 520 8.63 3.71 -1.92
CA ARG A 520 7.34 3.34 -2.52
C ARG A 520 7.50 2.91 -3.97
N GLN A 521 8.50 3.44 -4.67
CA GLN A 521 8.64 3.15 -6.09
C GLN A 521 9.49 1.91 -6.38
N GLY A 522 10.11 1.31 -5.35
CA GLY A 522 10.90 0.12 -5.57
C GLY A 522 10.05 -1.12 -5.73
N ALA A 523 10.68 -2.17 -6.28
CA ALA A 523 10.00 -3.43 -6.51
C ALA A 523 9.60 -4.10 -5.19
N ILE A 524 8.57 -4.96 -5.28
CA ILE A 524 8.22 -5.76 -4.11
C ILE A 524 9.37 -6.72 -3.80
N GLY A 525 9.37 -7.21 -2.55
CA GLY A 525 10.34 -8.13 -2.04
C GLY A 525 9.83 -8.81 -0.79
N PRO A 526 10.48 -9.91 -0.38
CA PRO A 526 9.93 -10.77 0.67
C PRO A 526 10.27 -10.31 2.09
N ARG A 527 9.27 -10.27 2.96
CA ARG A 527 9.46 -9.90 4.36
C ARG A 527 10.12 -11.01 5.16
N ILE A 528 11.13 -10.66 5.97
CA ILE A 528 11.72 -11.63 6.90
C ILE A 528 11.81 -11.06 8.31
N THR A 529 11.48 -9.78 8.48
CA THR A 529 11.63 -9.11 9.76
C THR A 529 10.26 -8.87 10.38
N SER A 530 10.29 -8.35 11.61
CA SER A 530 9.06 -7.97 12.29
C SER A 530 8.55 -6.60 11.84
N ARG A 531 9.25 -5.90 10.94
CA ARG A 531 8.70 -4.64 10.44
CA ARG A 531 8.71 -4.63 10.45
C ARG A 531 9.24 -4.33 9.05
N ALA A 532 8.58 -4.86 8.02
CA ALA A 532 8.95 -4.58 6.64
C ALA A 532 8.45 -3.18 6.23
N PHE A 533 9.19 -2.55 5.30
CA PHE A 533 8.78 -1.21 4.85
C PHE A 533 7.46 -1.25 4.09
N SER A 534 7.25 -2.29 3.30
CA SER A 534 6.03 -2.38 2.53
C SER A 534 4.98 -3.20 3.29
N ARG A 535 3.74 -2.72 3.23
CA ARG A 535 2.55 -3.29 3.87
C ARG A 535 2.57 -3.11 5.37
N GLU A 536 3.69 -3.46 6.03
CA GLU A 536 3.69 -3.50 7.48
C GLU A 536 3.80 -2.13 8.12
N ARG A 537 4.62 -1.25 7.55
CA ARG A 537 4.91 0.06 8.12
C ARG A 537 4.27 1.10 7.23
N ARG A 538 3.31 1.85 7.77
CA ARG A 538 2.50 2.75 6.94
C ARG A 538 2.65 4.18 7.49
N TYR A 539 3.49 4.95 6.84
CA TYR A 539 3.81 6.32 7.21
C TYR A 539 3.49 7.25 6.03
N PRO A 540 3.08 8.49 6.29
CA PRO A 540 2.82 9.42 5.19
C PRO A 540 4.11 9.86 4.52
N ILE A 541 3.97 10.24 3.24
CA ILE A 541 5.12 10.85 2.56
C ILE A 541 5.33 12.28 3.07
N VAL A 542 4.34 13.14 2.87
CA VAL A 542 4.39 14.49 3.42
C VAL A 542 4.16 14.39 4.93
N ASN A 543 5.26 14.31 5.69
CA ASN A 543 5.24 13.94 7.10
C ASN A 543 5.86 15.05 7.93
N GLY A 544 5.09 15.60 8.88
CA GLY A 544 5.55 16.73 9.67
C GLY A 544 5.83 16.42 11.12
N TRP A 545 5.96 15.14 11.44
CA TRP A 545 6.13 14.71 12.82
C TRP A 545 7.48 15.20 13.34
N THR A 546 7.44 16.03 14.38
CA THR A 546 8.65 16.61 14.95
C THR A 546 9.42 15.57 15.76
N ALA A 547 10.75 15.66 15.71
CA ALA A 547 11.60 14.59 16.22
C ALA A 547 11.47 14.37 17.72
N ASN A 548 11.33 15.43 18.51
CA ASN A 548 11.48 15.31 19.95
C ASN A 548 10.15 15.24 20.71
N ASP A 549 10.06 14.26 21.62
CA ASP A 549 9.02 14.12 22.64
C ASP A 549 7.60 14.40 22.18
N MET B 9 -13.14 -43.89 22.74
CA MET B 9 -11.89 -43.23 22.38
C MET B 9 -10.99 -44.15 21.53
N LYS B 10 -11.11 -44.03 20.21
CA LYS B 10 -10.44 -44.88 19.25
C LYS B 10 -9.19 -44.20 18.70
N SER B 11 -8.23 -45.02 18.26
CA SER B 11 -7.01 -44.48 17.67
C SER B 11 -7.28 -44.01 16.25
N PHE B 12 -6.58 -42.94 15.84
CA PHE B 12 -6.81 -42.32 14.55
C PHE B 12 -5.56 -41.61 14.07
N LYS B 13 -5.59 -41.18 12.81
CA LYS B 13 -4.48 -40.47 12.19
C LYS B 13 -4.97 -39.14 11.66
N VAL B 14 -4.15 -38.11 11.85
CA VAL B 14 -4.46 -36.75 11.43
C VAL B 14 -3.46 -36.34 10.36
N ALA B 15 -3.99 -35.86 9.22
CA ALA B 15 -3.16 -35.37 8.13
C ALA B 15 -3.13 -33.85 8.20
N LEU B 16 -1.94 -33.28 8.29
CA LEU B 16 -1.75 -31.83 8.27
C LEU B 16 -1.29 -31.46 6.86
N ALA B 17 -2.11 -30.72 6.13
CA ALA B 17 -1.81 -30.39 4.74
C ALA B 17 -1.09 -29.05 4.70
N GLN B 18 0.25 -29.11 4.68
CA GLN B 18 1.08 -27.92 4.58
C GLN B 18 1.08 -27.49 3.12
N PHE B 19 0.20 -26.54 2.82
CA PHE B 19 -0.46 -26.35 1.55
C PHE B 19 -0.10 -24.98 0.99
N SER B 20 0.23 -24.90 -0.29
CA SER B 20 0.50 -23.57 -0.88
C SER B 20 -0.61 -23.17 -1.83
N PRO B 21 -1.45 -22.19 -1.50
CA PRO B 21 -2.56 -21.82 -2.38
C PRO B 21 -2.14 -20.92 -3.54
N HIS B 22 -2.96 -20.95 -4.59
CA HIS B 22 -2.91 -19.93 -5.63
C HIS B 22 -3.98 -18.90 -5.24
N ILE B 23 -3.52 -17.76 -4.74
CA ILE B 23 -4.41 -16.75 -4.18
C ILE B 23 -5.45 -16.37 -5.22
N GLY B 24 -6.73 -16.49 -4.83
CA GLY B 24 -7.84 -16.15 -5.68
C GLY B 24 -8.28 -17.22 -6.67
N ASN B 25 -7.50 -18.28 -6.87
CA ASN B 25 -7.88 -19.31 -7.83
C ASN B 25 -8.61 -20.42 -7.08
N ILE B 26 -9.89 -20.16 -6.84
CA ILE B 26 -10.74 -21.07 -6.07
C ILE B 26 -10.82 -22.44 -6.73
N ASP B 27 -10.98 -22.46 -8.07
CA ASP B 27 -10.98 -23.73 -8.78
C ASP B 27 -9.71 -24.52 -8.50
N SER B 28 -8.56 -23.86 -8.59
CA SER B 28 -7.29 -24.54 -8.41
C SER B 28 -7.09 -25.01 -6.96
N ASN B 29 -7.35 -24.13 -6.00
CA ASN B 29 -7.19 -24.51 -4.59
C ASN B 29 -8.09 -25.67 -4.22
N THR B 30 -9.35 -25.64 -4.69
CA THR B 30 -10.29 -26.71 -4.38
C THR B 30 -9.83 -28.03 -4.98
N GLN B 31 -9.37 -28.01 -6.23
CA GLN B 31 -8.83 -29.21 -6.86
C GLN B 31 -7.65 -29.77 -6.05
N LYS B 32 -6.74 -28.91 -5.60
CA LYS B 32 -5.60 -29.42 -4.83
C LYS B 32 -6.05 -29.96 -3.48
N MET B 33 -7.00 -29.30 -2.83
CA MET B 33 -7.54 -29.83 -1.58
C MET B 33 -8.08 -31.23 -1.76
N ILE B 34 -8.83 -31.44 -2.86
CA ILE B 34 -9.36 -32.78 -3.15
C ILE B 34 -8.21 -33.76 -3.39
N GLU B 35 -7.19 -33.33 -4.15
CA GLU B 35 -6.06 -34.22 -4.40
C GLU B 35 -5.35 -34.57 -3.10
N GLN B 36 -5.20 -33.60 -2.19
CA GLN B 36 -4.56 -33.88 -0.91
C GLN B 36 -5.44 -34.75 -0.01
N ALA B 37 -6.75 -34.54 -0.05
CA ALA B 37 -7.64 -35.41 0.70
C ALA B 37 -7.55 -36.84 0.20
N ASN B 38 -7.43 -37.03 -1.11
CA ASN B 38 -7.24 -38.38 -1.64
C ASN B 38 -5.93 -38.97 -1.15
N GLN B 39 -4.86 -38.17 -1.16
CA GLN B 39 -3.55 -38.68 -0.74
CA GLN B 39 -3.55 -38.68 -0.74
C GLN B 39 -3.55 -39.03 0.74
N ALA B 40 -4.23 -38.23 1.57
CA ALA B 40 -4.30 -38.53 3.00
C ALA B 40 -5.07 -39.82 3.24
N LYS B 41 -6.11 -40.07 2.45
CA LYS B 41 -6.87 -41.30 2.59
C LYS B 41 -6.00 -42.51 2.28
N LYS B 42 -5.21 -42.41 1.20
CA LYS B 42 -4.30 -43.50 0.85
C LYS B 42 -3.35 -43.80 2.00
N GLN B 43 -3.06 -42.81 2.83
CA GLN B 43 -2.19 -42.99 3.99
C GLN B 43 -2.97 -43.25 5.27
N ASP B 44 -4.23 -43.68 5.16
CA ASP B 44 -5.06 -44.10 6.28
C ASP B 44 -5.38 -42.94 7.23
N ALA B 45 -5.34 -41.70 6.75
CA ALA B 45 -5.71 -40.57 7.59
C ALA B 45 -7.22 -40.54 7.80
N ASP B 46 -7.63 -40.18 9.02
CA ASP B 46 -9.05 -40.07 9.33
C ASP B 46 -9.56 -38.65 9.25
N LEU B 47 -8.68 -37.67 9.41
CA LEU B 47 -9.01 -36.27 9.22
C LEU B 47 -7.88 -35.62 8.43
N ILE B 48 -8.19 -34.57 7.69
CA ILE B 48 -7.17 -33.75 7.03
C ILE B 48 -7.51 -32.29 7.32
N ILE B 49 -6.50 -31.53 7.74
CA ILE B 49 -6.69 -30.14 8.13
C ILE B 49 -5.85 -29.26 7.21
N PHE B 50 -6.49 -28.27 6.61
CA PHE B 50 -5.91 -27.34 5.66
C PHE B 50 -5.66 -25.98 6.31
N PRO B 51 -4.90 -25.11 5.65
CA PRO B 51 -4.64 -23.79 6.22
C PRO B 51 -5.88 -22.90 6.22
N GLU B 52 -5.73 -21.79 6.93
CA GLU B 52 -6.74 -20.75 6.96
C GLU B 52 -7.10 -20.29 5.54
N LEU B 53 -8.41 -20.11 5.30
CA LEU B 53 -8.93 -19.61 4.01
C LEU B 53 -8.40 -20.41 2.83
N SER B 54 -8.12 -21.70 3.03
CA SER B 54 -7.42 -22.49 2.03
C SER B 54 -8.13 -22.50 0.67
N VAL B 55 -9.45 -22.35 0.66
CA VAL B 55 -10.19 -22.40 -0.61
C VAL B 55 -9.82 -21.23 -1.51
N ILE B 56 -9.52 -20.07 -0.93
CA ILE B 56 -9.16 -18.88 -1.71
C ILE B 56 -7.71 -18.44 -1.48
N GLY B 57 -7.08 -18.79 -0.35
CA GLY B 57 -5.70 -18.43 -0.10
C GLY B 57 -5.58 -17.11 0.65
N TYR B 58 -4.33 -16.81 1.05
CA TYR B 58 -4.04 -15.66 1.91
C TYR B 58 -2.74 -15.00 1.48
N PRO B 59 -2.70 -13.67 1.30
CA PRO B 59 -3.76 -12.67 1.36
C PRO B 59 -4.42 -12.43 0.02
N ALA B 60 -5.73 -12.68 -0.01
CA ALA B 60 -6.54 -12.47 -1.20
C ALA B 60 -6.97 -11.02 -1.34
N GLU B 61 -6.85 -10.25 -0.27
CA GLU B 61 -7.12 -8.81 -0.28
C GLU B 61 -8.49 -8.51 -0.87
N ASP B 62 -8.59 -7.49 -1.74
CA ASP B 62 -9.93 -7.04 -2.14
C ASP B 62 -10.65 -8.03 -3.04
N LEU B 63 -10.02 -9.15 -3.44
CA LEU B 63 -10.82 -10.23 -4.02
C LEU B 63 -11.91 -10.70 -3.07
N LEU B 64 -11.67 -10.60 -1.76
CA LEU B 64 -12.64 -11.02 -0.74
C LEU B 64 -13.91 -10.17 -0.76
N LEU B 65 -13.91 -9.05 -1.49
CA LEU B 65 -15.05 -8.16 -1.60
C LEU B 65 -15.84 -8.35 -2.89
N ARG B 66 -15.44 -9.26 -3.77
CA ARG B 66 -16.11 -9.35 -5.07
C ARG B 66 -17.53 -9.89 -4.89
N PRO B 67 -18.52 -9.32 -5.58
CA PRO B 67 -19.91 -9.75 -5.34
C PRO B 67 -20.16 -11.21 -5.66
N ASN B 68 -19.45 -11.75 -6.64
CA ASN B 68 -19.59 -13.14 -7.07
C ASN B 68 -18.86 -14.15 -6.18
N LEU B 69 -18.24 -13.70 -5.07
CA LEU B 69 -17.45 -14.59 -4.21
C LEU B 69 -18.30 -15.71 -3.61
N ASN B 70 -19.49 -15.39 -3.09
CA ASN B 70 -20.27 -16.40 -2.39
C ASN B 70 -20.69 -17.55 -3.31
N LYS B 71 -21.07 -17.23 -4.55
CA LYS B 71 -21.42 -18.29 -5.49
C LYS B 71 -20.24 -19.22 -5.74
N ARG B 72 -19.03 -18.67 -5.77
CA ARG B 72 -17.85 -19.52 -5.98
C ARG B 72 -17.56 -20.38 -4.76
N MET B 73 -17.75 -19.83 -3.55
CA MET B 73 -17.67 -20.65 -2.34
C MET B 73 -18.69 -21.79 -2.38
N GLN B 74 -19.91 -21.51 -2.83
CA GLN B 74 -20.91 -22.57 -2.91
C GLN B 74 -20.50 -23.66 -3.89
N LYS B 75 -20.01 -23.26 -5.07
CA LYS B 75 -19.52 -24.27 -6.01
C LYS B 75 -18.38 -25.08 -5.40
N ALA B 76 -17.50 -24.41 -4.65
CA ALA B 76 -16.39 -25.13 -4.03
C ALA B 76 -16.89 -26.18 -3.02
N PHE B 77 -17.87 -25.81 -2.20
CA PHE B 77 -18.45 -26.79 -1.28
C PHE B 77 -19.07 -27.95 -2.04
N ALA B 78 -19.74 -27.66 -3.16
CA ALA B 78 -20.31 -28.73 -3.97
C ALA B 78 -19.23 -29.70 -4.44
N GLN B 79 -18.10 -29.18 -4.93
CA GLN B 79 -17.03 -30.07 -5.35
C GLN B 79 -16.44 -30.85 -4.18
N LEU B 80 -16.21 -30.17 -3.05
CA LEU B 80 -15.65 -30.86 -1.89
C LEU B 80 -16.60 -31.90 -1.32
N SER B 81 -17.90 -31.76 -1.55
CA SER B 81 -18.87 -32.74 -1.04
C SER B 81 -18.71 -34.11 -1.67
N GLU B 82 -18.01 -34.20 -2.80
CA GLU B 82 -17.82 -35.50 -3.43
C GLU B 82 -16.72 -36.34 -2.79
N VAL B 83 -15.82 -35.72 -2.01
CA VAL B 83 -14.80 -36.50 -1.32
C VAL B 83 -15.45 -37.32 -0.21
N LYS B 84 -15.16 -38.62 -0.19
CA LYS B 84 -15.78 -39.53 0.76
C LYS B 84 -14.74 -40.12 1.70
N ASP B 85 -15.22 -40.50 2.89
CA ASP B 85 -14.50 -41.35 3.84
C ASP B 85 -13.35 -40.64 4.55
N ILE B 86 -13.36 -39.31 4.63
CA ILE B 86 -12.37 -38.61 5.45
C ILE B 86 -12.97 -37.30 5.91
N VAL B 87 -12.77 -36.96 7.18
CA VAL B 87 -13.20 -35.66 7.69
C VAL B 87 -12.25 -34.58 7.19
N MET B 88 -12.79 -33.54 6.58
CA MET B 88 -11.98 -32.43 6.09
C MET B 88 -12.29 -31.17 6.90
N VAL B 89 -11.24 -30.48 7.33
CA VAL B 89 -11.34 -29.21 8.01
C VAL B 89 -10.59 -28.19 7.17
N PHE B 90 -11.30 -27.19 6.65
CA PHE B 90 -10.70 -26.28 5.69
C PHE B 90 -11.23 -24.86 5.87
N GLY B 91 -10.49 -23.91 5.31
CA GLY B 91 -10.84 -22.50 5.41
C GLY B 91 -11.67 -22.03 4.22
N PHE B 92 -12.63 -21.15 4.49
CA PHE B 92 -13.50 -20.58 3.46
C PHE B 92 -14.05 -19.26 3.99
N VAL B 93 -14.68 -18.51 3.09
CA VAL B 93 -15.35 -17.26 3.45
C VAL B 93 -16.83 -17.59 3.60
N ASN B 94 -17.32 -17.43 4.81
CA ASN B 94 -18.70 -17.73 5.14
C ASN B 94 -19.51 -16.44 5.04
N GLN B 95 -20.47 -16.41 4.12
CA GLN B 95 -21.37 -15.27 3.99
C GLN B 95 -22.77 -15.69 4.40
N THR B 96 -23.36 -14.95 5.34
CA THR B 96 -24.65 -15.32 5.92
C THR B 96 -25.80 -14.62 5.18
N GLU B 97 -27.05 -14.95 5.56
CA GLU B 97 -28.21 -14.42 4.85
C GLU B 97 -28.21 -12.89 4.87
N ASP B 98 -27.85 -12.29 6.00
CA ASP B 98 -27.77 -10.84 6.12
C ASP B 98 -26.68 -10.20 5.28
N GLY B 99 -25.76 -10.99 4.71
CA GLY B 99 -24.64 -10.44 3.97
C GLY B 99 -23.35 -10.29 4.75
N GLN B 100 -23.32 -10.65 6.04
CA GLN B 100 -22.07 -10.60 6.77
C GLN B 100 -21.11 -11.63 6.20
N ARG B 101 -19.82 -11.32 6.24
CA ARG B 101 -18.78 -12.25 5.78
C ARG B 101 -17.86 -12.59 6.95
N TYR B 102 -17.55 -13.87 7.09
CA TYR B 102 -16.72 -14.36 8.17
C TYR B 102 -15.52 -15.11 7.62
N ASN B 103 -14.43 -15.08 8.38
CA ASN B 103 -13.25 -15.91 8.13
C ASN B 103 -13.48 -17.22 8.86
N SER B 104 -13.70 -18.31 8.10
CA SER B 104 -14.36 -19.46 8.69
C SER B 104 -13.66 -20.76 8.37
N ALA B 105 -13.99 -21.79 9.17
CA ALA B 105 -13.52 -23.14 8.99
C ALA B 105 -14.73 -24.06 8.96
N ALA B 106 -14.74 -24.99 8.00
CA ALA B 106 -15.80 -25.97 7.85
C ALA B 106 -15.24 -27.35 8.18
N VAL B 107 -16.05 -28.14 8.87
CA VAL B 107 -15.78 -29.55 9.10
C VAL B 107 -16.76 -30.35 8.26
N MET B 108 -16.25 -31.17 7.33
CA MET B 108 -17.08 -31.84 6.35
C MET B 108 -16.71 -33.32 6.22
N LYS B 109 -17.73 -34.17 6.13
CA LYS B 109 -17.51 -35.60 5.87
C LYS B 109 -18.65 -36.11 5.00
N ASP B 110 -18.29 -36.74 3.89
CA ASP B 110 -19.24 -37.33 2.95
C ASP B 110 -20.32 -36.34 2.57
N GLY B 111 -19.90 -35.13 2.21
CA GLY B 111 -20.80 -34.11 1.72
C GLY B 111 -21.70 -33.47 2.75
N GLN B 112 -21.46 -33.71 4.03
CA GLN B 112 -22.27 -33.14 5.09
C GLN B 112 -21.41 -32.14 5.84
N VAL B 113 -21.91 -30.91 5.98
CA VAL B 113 -21.22 -29.92 6.79
C VAL B 113 -21.56 -30.24 8.24
N LEU B 114 -20.61 -30.83 8.96
CA LEU B 114 -20.82 -31.18 10.36
C LEU B 114 -20.84 -29.94 11.24
N GLY B 115 -20.01 -28.95 10.93
CA GLY B 115 -20.00 -27.73 11.72
C GLY B 115 -19.25 -26.63 11.00
N VAL B 116 -19.48 -25.41 11.46
CA VAL B 116 -18.81 -24.22 10.94
C VAL B 116 -18.31 -23.39 12.11
N PHE B 117 -17.07 -22.91 12.01
CA PHE B 117 -16.49 -22.01 12.99
C PHE B 117 -16.16 -20.69 12.32
N ASN B 118 -16.48 -19.58 12.99
CA ASN B 118 -16.18 -18.24 12.51
C ASN B 118 -15.12 -17.60 13.41
N LYS B 119 -13.99 -17.22 12.80
CA LYS B 119 -12.84 -16.67 13.52
C LYS B 119 -13.25 -15.52 14.42
N HIS B 120 -12.80 -15.57 15.69
CA HIS B 120 -13.17 -14.57 16.69
C HIS B 120 -12.28 -13.34 16.67
N ASN B 121 -10.98 -13.52 16.46
CA ASN B 121 -9.99 -12.47 16.63
C ASN B 121 -9.44 -12.11 15.25
N LEU B 122 -9.88 -10.97 14.71
CA LEU B 122 -9.49 -10.49 13.38
C LEU B 122 -8.30 -9.54 13.44
N PRO B 123 -7.10 -9.99 13.07
CA PRO B 123 -5.94 -9.09 13.12
C PRO B 123 -6.09 -7.91 12.17
N ASN B 124 -5.86 -6.72 12.69
CA ASN B 124 -5.87 -5.52 11.85
C ASN B 124 -4.68 -4.64 12.26
N TYR B 125 -3.49 -5.24 12.28
CA TYR B 125 -2.26 -4.57 12.65
C TYR B 125 -1.18 -5.10 11.73
N GLY B 126 -0.12 -4.32 11.58
CA GLY B 126 1.03 -4.81 10.82
C GLY B 126 0.64 -5.22 9.43
N VAL B 127 0.86 -6.51 9.12
CA VAL B 127 0.59 -7.01 7.77
C VAL B 127 -0.86 -7.43 7.57
N PHE B 128 -1.71 -7.26 8.58
CA PHE B 128 -3.07 -7.80 8.56
C PHE B 128 -4.10 -6.69 8.42
N ASP B 129 -5.14 -6.95 7.62
CA ASP B 129 -6.23 -5.98 7.44
C ASP B 129 -7.58 -6.67 7.45
N GLU B 130 -7.79 -7.62 8.37
CA GLU B 130 -8.94 -8.49 8.26
C GLU B 130 -10.26 -7.80 8.58
N LYS B 131 -10.24 -6.67 9.28
CA LYS B 131 -11.49 -5.94 9.49
C LYS B 131 -11.92 -5.13 8.28
N ARG B 132 -11.10 -5.09 7.23
CA ARG B 132 -11.56 -4.60 5.93
C ARG B 132 -12.55 -5.56 5.28
N TYR B 133 -12.50 -6.85 5.68
CA TYR B 133 -13.19 -7.94 4.99
C TYR B 133 -14.19 -8.71 5.83
N PHE B 134 -13.96 -8.87 7.14
CA PHE B 134 -14.73 -9.86 7.91
C PHE B 134 -15.34 -9.22 9.14
N GLN B 135 -16.44 -9.83 9.58
CA GLN B 135 -17.01 -9.59 10.90
C GLN B 135 -16.56 -10.75 11.78
N LYS B 136 -16.49 -10.51 13.09
CA LYS B 136 -15.95 -11.50 14.00
C LYS B 136 -17.00 -12.51 14.46
N GLY B 137 -16.55 -13.75 14.68
CA GLY B 137 -17.41 -14.75 15.26
C GLY B 137 -17.51 -14.62 16.78
N HIS B 138 -18.47 -15.35 17.35
CA HIS B 138 -18.67 -15.39 18.80
C HIS B 138 -18.80 -16.78 19.39
N GLN B 139 -19.06 -17.79 18.56
CA GLN B 139 -19.37 -19.14 19.03
C GLN B 139 -18.21 -20.08 18.75
N HIS B 140 -18.19 -21.17 19.48
CA HIS B 140 -17.14 -22.17 19.35
C HIS B 140 -17.67 -23.41 18.64
N LEU B 141 -16.75 -24.13 18.01
CA LEU B 141 -17.09 -25.37 17.31
C LEU B 141 -16.33 -26.52 17.97
N VAL B 142 -17.07 -27.43 18.59
CA VAL B 142 -16.54 -28.67 19.13
C VAL B 142 -17.29 -29.83 18.47
N PHE B 143 -16.55 -30.82 17.97
CA PHE B 143 -17.21 -32.00 17.41
C PHE B 143 -16.50 -33.25 17.87
N GLU B 144 -17.29 -34.32 18.06
CA GLU B 144 -16.78 -35.61 18.48
C GLU B 144 -16.67 -36.52 17.26
N TYR B 145 -15.49 -37.12 17.11
CA TYR B 145 -15.22 -38.05 16.03
C TYR B 145 -14.35 -39.15 16.60
N LEU B 146 -14.79 -40.40 16.46
CA LEU B 146 -14.07 -41.56 16.99
C LEU B 146 -13.74 -41.38 18.47
N GLY B 147 -14.73 -40.91 19.24
CA GLY B 147 -14.57 -40.74 20.68
C GLY B 147 -13.69 -39.59 21.10
N HIS B 148 -13.25 -38.76 20.15
CA HIS B 148 -12.34 -37.65 20.43
C HIS B 148 -13.08 -36.33 20.25
N LYS B 149 -12.92 -35.41 21.21
CA LYS B 149 -13.53 -34.09 21.11
C LYS B 149 -12.54 -33.13 20.46
N PHE B 150 -12.90 -32.58 19.31
CA PHE B 150 -12.09 -31.62 18.56
C PHE B 150 -12.68 -30.22 18.69
N GLY B 151 -11.85 -29.26 19.07
CA GLY B 151 -12.19 -27.85 18.92
C GLY B 151 -11.48 -27.26 17.72
N VAL B 152 -12.05 -26.19 17.17
CA VAL B 152 -11.55 -25.53 15.96
C VAL B 152 -11.31 -24.06 16.23
N LEU B 153 -10.11 -23.58 15.90
CA LEU B 153 -9.79 -22.16 16.00
C LEU B 153 -8.99 -21.77 14.76
N ILE B 154 -8.94 -20.47 14.49
CA ILE B 154 -8.27 -19.96 13.30
C ILE B 154 -7.21 -18.95 13.74
N CYS B 155 -5.95 -19.28 13.44
CA CYS B 155 -4.79 -18.40 13.53
C CYS B 155 -4.77 -17.53 14.78
N GLU B 156 -5.04 -16.23 14.63
CA GLU B 156 -4.99 -15.30 15.75
C GLU B 156 -5.78 -15.78 16.96
N ASP B 157 -6.79 -16.63 16.76
CA ASP B 157 -7.57 -17.15 17.88
C ASP B 157 -6.71 -17.91 18.89
N ILE B 158 -5.72 -18.69 18.42
CA ILE B 158 -4.95 -19.51 19.35
C ILE B 158 -4.02 -18.65 20.20
N TRP B 159 -3.81 -17.39 19.82
CA TRP B 159 -2.97 -16.45 20.57
C TRP B 159 -3.76 -15.52 21.48
N SER B 160 -5.08 -15.67 21.55
CA SER B 160 -5.92 -14.89 22.45
C SER B 160 -6.28 -15.75 23.66
N ILE B 161 -5.67 -15.45 24.82
CA ILE B 161 -5.83 -16.29 26.00
C ILE B 161 -7.31 -16.50 26.30
N ASN B 162 -8.11 -15.44 26.20
CA ASN B 162 -9.54 -15.53 26.50
C ASN B 162 -10.24 -16.53 25.59
N THR B 163 -9.99 -16.46 24.28
CA THR B 163 -10.61 -17.37 23.34
C THR B 163 -10.24 -18.83 23.63
N VAL B 164 -8.97 -19.08 23.94
CA VAL B 164 -8.53 -20.47 24.15
C VAL B 164 -9.06 -21.01 25.47
N LYS B 165 -9.08 -20.17 26.52
CA LYS B 165 -9.63 -20.62 27.80
C LYS B 165 -11.10 -20.98 27.67
N GLN B 166 -11.86 -20.24 26.85
CA GLN B 166 -13.25 -20.59 26.59
C GLN B 166 -13.37 -21.99 25.99
N LEU B 167 -12.55 -22.29 24.98
CA LEU B 167 -12.59 -23.60 24.36
C LEU B 167 -12.12 -24.68 25.34
N SER B 168 -11.14 -24.35 26.18
CA SER B 168 -10.68 -25.27 27.22
C SER B 168 -11.80 -25.62 28.19
N GLN B 169 -12.67 -24.64 28.51
CA GLN B 169 -13.75 -24.88 29.46
C GLN B 169 -14.75 -25.92 28.96
N LEU B 170 -14.74 -26.22 27.66
CA LEU B 170 -15.58 -27.26 27.09
C LEU B 170 -14.89 -28.63 27.11
N ASN B 171 -13.71 -28.72 27.74
CA ASN B 171 -12.99 -29.98 27.94
C ASN B 171 -12.65 -30.66 26.62
N VAL B 172 -12.19 -29.85 25.66
CA VAL B 172 -11.70 -30.36 24.40
C VAL B 172 -10.48 -31.27 24.61
N ASP B 173 -10.34 -32.27 23.73
CA ASP B 173 -9.15 -33.11 23.72
C ASP B 173 -8.05 -32.54 22.82
N THR B 174 -8.41 -32.19 21.58
CA THR B 174 -7.47 -31.66 20.60
C THR B 174 -8.06 -30.40 19.98
N VAL B 175 -7.25 -29.34 19.89
CA VAL B 175 -7.64 -28.12 19.20
C VAL B 175 -7.00 -28.14 17.82
N LEU B 176 -7.82 -28.05 16.78
CA LEU B 176 -7.34 -27.93 15.42
C LEU B 176 -7.24 -26.45 15.07
N VAL B 177 -6.06 -26.01 14.66
CA VAL B 177 -5.80 -24.61 14.37
C VAL B 177 -5.42 -24.46 12.90
N LEU B 178 -6.22 -23.70 12.14
CA LEU B 178 -5.89 -23.37 10.75
C LEU B 178 -5.18 -22.02 10.73
N ASN B 179 -4.10 -21.92 9.94
CA ASN B 179 -3.29 -20.72 9.97
C ASN B 179 -2.81 -20.28 8.59
N SER B 180 -2.78 -18.96 8.41
CA SER B 180 -1.98 -18.27 7.40
C SER B 180 -1.03 -17.33 8.14
N SER B 181 -0.05 -17.91 8.82
CA SER B 181 0.84 -17.17 9.69
C SER B 181 2.10 -16.81 8.90
N PRO B 182 2.36 -15.55 8.60
CA PRO B 182 3.53 -15.19 7.80
C PRO B 182 4.83 -15.42 8.57
N TYR B 183 5.90 -15.63 7.80
CA TYR B 183 7.22 -15.84 8.36
C TYR B 183 7.87 -14.54 8.78
N GLU B 184 8.63 -14.62 9.88
CA GLU B 184 9.65 -13.63 10.23
C GLU B 184 10.70 -14.41 11.03
N VAL B 185 11.94 -13.91 11.06
CA VAL B 185 13.03 -14.65 11.71
C VAL B 185 12.62 -15.07 13.09
N GLY B 186 12.86 -16.34 13.42
CA GLY B 186 12.64 -16.83 14.77
C GLY B 186 11.22 -17.27 15.07
N LYS B 187 10.25 -16.87 14.27
CA LYS B 187 8.86 -17.20 14.53
C LYS B 187 8.58 -18.70 14.42
N PRO B 188 9.12 -19.41 13.42
CA PRO B 188 8.78 -20.85 13.32
C PRO B 188 9.02 -21.64 14.61
N GLN B 189 10.18 -21.46 15.26
CA GLN B 189 10.40 -22.18 16.51
C GLN B 189 9.68 -21.52 17.68
N HIS B 190 9.54 -20.20 17.66
CA HIS B 190 8.83 -19.49 18.72
C HIS B 190 7.37 -19.96 18.82
N ARG B 191 6.73 -20.20 17.67
CA ARG B 191 5.36 -20.73 17.67
C ARG B 191 5.28 -22.03 18.47
N LYS B 192 6.25 -22.92 18.24
CA LYS B 192 6.26 -24.21 18.91
C LYS B 192 6.47 -24.05 20.41
N GLN B 193 7.40 -23.18 20.82
CA GLN B 193 7.64 -23.01 22.24
C GLN B 193 6.39 -22.49 22.94
N THR B 194 5.72 -21.51 22.34
CA THR B 194 4.57 -20.89 23.01
C THR B 194 3.39 -21.84 23.06
N LEU B 195 3.04 -22.45 21.92
CA LEU B 195 1.86 -23.30 21.92
C LEU B 195 2.08 -24.62 22.66
N SER B 196 3.34 -25.07 22.78
CA SER B 196 3.61 -26.23 23.63
C SER B 196 3.31 -25.91 25.10
N GLU B 197 3.86 -24.79 25.60
CA GLU B 197 3.58 -24.41 26.98
C GLU B 197 2.09 -24.17 27.19
N LEU B 198 1.41 -23.62 26.18
CA LEU B 198 -0.03 -23.44 26.27
C LEU B 198 -0.76 -24.78 26.29
N ALA B 199 -0.35 -25.71 25.42
CA ALA B 199 -0.96 -27.04 25.43
C ALA B 199 -0.83 -27.67 26.80
N LYS B 200 0.35 -27.52 27.43
CA LYS B 200 0.54 -28.07 28.78
C LYS B 200 -0.36 -27.39 29.80
N GLN B 201 -0.47 -26.06 29.73
CA GLN B 201 -1.28 -25.32 30.71
C GLN B 201 -2.73 -25.76 30.67
N LEU B 202 -3.27 -26.02 29.49
CA LEU B 202 -4.68 -26.32 29.33
C LEU B 202 -4.99 -27.80 29.15
N HIS B 203 -3.97 -28.68 29.24
CA HIS B 203 -4.16 -30.12 29.15
C HIS B 203 -4.92 -30.50 27.87
N LEU B 204 -4.45 -29.99 26.74
CA LEU B 204 -5.04 -30.36 25.47
C LEU B 204 -3.97 -30.39 24.39
N ASN B 205 -4.22 -31.21 23.37
CA ASN B 205 -3.34 -31.25 22.21
C ASN B 205 -3.67 -30.12 21.25
N ILE B 206 -2.65 -29.66 20.53
CA ILE B 206 -2.85 -28.61 19.54
C ILE B 206 -2.29 -29.10 18.21
N VAL B 207 -3.16 -29.17 17.21
CA VAL B 207 -2.77 -29.48 15.84
C VAL B 207 -2.71 -28.16 15.11
N TYR B 208 -1.49 -27.73 14.76
CA TYR B 208 -1.25 -26.40 14.19
C TYR B 208 -0.84 -26.56 12.73
N VAL B 209 -1.74 -26.21 11.81
CA VAL B 209 -1.50 -26.30 10.37
C VAL B 209 -1.29 -24.90 9.81
N ASN B 210 -0.20 -24.71 9.05
CA ASN B 210 0.13 -23.40 8.53
C ASN B 210 0.35 -23.42 7.03
N GLN B 211 -0.12 -22.36 6.37
CA GLN B 211 0.14 -22.13 4.96
C GLN B 211 1.65 -22.03 4.69
N VAL B 212 2.05 -22.38 3.48
CA VAL B 212 3.46 -22.32 3.08
C VAL B 212 3.58 -21.74 1.67
N GLY B 213 4.69 -21.06 1.43
CA GLY B 213 4.99 -20.53 0.12
C GLY B 213 5.17 -19.02 0.12
N GLY B 214 5.84 -18.50 -0.92
CA GLY B 214 5.92 -17.07 -1.10
C GLY B 214 4.65 -16.54 -1.75
N GLN B 215 4.27 -15.32 -1.36
CA GLN B 215 3.11 -14.66 -1.98
C GLN B 215 3.38 -13.17 -1.97
N ASP B 216 3.74 -12.62 -3.14
CA ASP B 216 3.96 -11.17 -3.28
C ASP B 216 5.06 -10.75 -2.31
N ASP B 217 4.77 -9.87 -1.36
CA ASP B 217 5.74 -9.36 -0.42
C ASP B 217 5.90 -10.24 0.81
N LEU B 218 5.16 -11.34 0.91
CA LEU B 218 5.14 -12.13 2.13
C LEU B 218 5.75 -13.51 1.90
N ILE B 219 6.28 -14.08 2.97
CA ILE B 219 6.69 -15.47 3.01
C ILE B 219 5.81 -16.18 4.02
N PHE B 220 5.33 -17.37 3.68
CA PHE B 220 4.66 -18.25 4.63
C PHE B 220 5.52 -19.50 4.83
N ASP B 221 5.92 -19.76 6.06
CA ASP B 221 6.96 -20.75 6.31
C ASP B 221 6.42 -22.17 6.47
N GLY B 222 5.11 -22.34 6.65
CA GLY B 222 4.59 -23.66 6.97
C GLY B 222 4.97 -24.03 8.40
N THR B 223 5.91 -24.97 8.56
CA THR B 223 6.40 -25.39 9.88
C THR B 223 5.26 -25.80 10.81
N SER B 224 4.30 -26.54 10.25
CA SER B 224 3.18 -27.10 11.01
C SER B 224 3.69 -28.05 12.09
N PHE B 225 2.88 -28.26 13.12
CA PHE B 225 3.29 -29.18 14.18
C PHE B 225 2.09 -29.67 14.96
N VAL B 226 2.32 -30.73 15.73
CA VAL B 226 1.35 -31.26 16.68
C VAL B 226 2.00 -31.28 18.05
N SER B 227 1.43 -30.54 18.99
CA SER B 227 1.90 -30.52 20.37
C SER B 227 0.95 -31.32 21.25
N ASN B 228 1.52 -32.22 22.05
CA ASN B 228 0.73 -33.04 22.96
C ASN B 228 0.33 -32.25 24.20
N GLN B 229 -0.71 -32.75 24.87
CA GLN B 229 -1.25 -32.12 26.07
C GLN B 229 -0.27 -32.12 27.24
N ASN B 230 0.81 -32.90 27.17
CA ASN B 230 1.87 -32.81 28.18
C ASN B 230 2.90 -31.74 27.84
N GLY B 231 2.76 -31.08 26.70
CA GLY B 231 3.69 -30.04 26.29
C GLY B 231 4.81 -30.49 25.38
N GLU B 232 4.87 -31.77 25.03
CA GLU B 232 5.90 -32.27 24.13
C GLU B 232 5.40 -32.22 22.69
N ILE B 233 6.27 -31.83 21.78
CA ILE B 233 5.90 -31.76 20.36
C ILE B 233 6.01 -33.16 19.77
N ALA B 234 4.92 -33.62 19.15
CA ALA B 234 4.87 -34.97 18.60
C ALA B 234 5.29 -35.05 17.15
N LEU B 235 4.94 -34.02 16.37
CA LEU B 235 5.22 -33.97 14.94
C LEU B 235 5.69 -32.58 14.58
N GLN B 236 6.70 -32.51 13.73
CA GLN B 236 7.31 -31.23 13.33
C GLN B 236 7.52 -31.25 11.83
N ALA B 237 6.79 -30.41 11.11
CA ALA B 237 7.04 -30.28 9.69
C ALA B 237 8.18 -29.30 9.46
N PRO B 238 8.97 -29.51 8.42
CA PRO B 238 10.02 -28.54 8.09
C PRO B 238 9.42 -27.22 7.62
N SER B 239 10.25 -26.19 7.68
CA SER B 239 9.90 -24.91 7.10
C SER B 239 10.06 -24.94 5.59
N PHE B 240 9.19 -24.18 4.90
CA PHE B 240 9.34 -23.87 3.48
C PHE B 240 9.15 -25.08 2.59
N LYS B 241 8.45 -26.11 3.06
CA LYS B 241 8.16 -27.30 2.27
C LYS B 241 6.65 -27.51 2.21
N GLU B 242 6.18 -27.93 1.03
CA GLU B 242 4.78 -28.24 0.82
C GLU B 242 4.61 -29.75 0.85
N ASP B 243 3.77 -30.24 1.76
CA ASP B 243 3.64 -31.68 1.95
C ASP B 243 2.45 -31.98 2.85
N LEU B 244 2.18 -33.27 3.01
CA LEU B 244 1.16 -33.80 3.89
C LEU B 244 1.85 -34.55 5.02
N TYR B 245 1.60 -34.16 6.26
CA TYR B 245 2.23 -34.78 7.43
C TYR B 245 1.18 -35.50 8.26
N ILE B 246 1.51 -36.72 8.69
CA ILE B 246 0.55 -37.59 9.37
C ILE B 246 0.95 -37.72 10.82
N ALA B 247 0.01 -37.42 11.71
CA ALA B 247 0.17 -37.67 13.14
C ALA B 247 -0.75 -38.79 13.56
N GLU B 248 -0.32 -39.56 14.55
CA GLU B 248 -1.03 -40.76 14.98
C GLU B 248 -1.40 -40.63 16.45
N PHE B 249 -2.70 -40.68 16.72
CA PHE B 249 -3.19 -40.61 18.10
C PHE B 249 -3.25 -42.02 18.68
N ASP B 250 -2.68 -42.19 19.86
CA ASP B 250 -2.64 -43.46 20.57
C ASP B 250 -3.80 -43.50 21.56
N ARG B 251 -4.78 -44.36 21.30
CA ARG B 251 -5.93 -44.47 22.20
C ARG B 251 -5.48 -44.73 23.64
N ASP B 252 -4.49 -45.59 23.82
CA ASP B 252 -4.11 -46.00 25.17
C ASP B 252 -3.41 -44.88 25.92
N THR B 253 -2.43 -44.21 25.29
CA THR B 253 -1.69 -43.17 25.99
C THR B 253 -2.39 -41.82 25.98
N LYS B 254 -3.44 -41.66 25.16
CA LYS B 254 -4.14 -40.37 25.01
C LYS B 254 -3.18 -39.28 24.51
N LEU B 255 -2.21 -39.68 23.71
CA LEU B 255 -1.21 -38.76 23.18
C LEU B 255 -0.97 -39.11 21.71
N TYR B 256 -0.44 -38.14 20.99
CA TYR B 256 -0.01 -38.39 19.63
C TYR B 256 1.39 -38.98 19.66
N LYS B 257 1.65 -39.94 18.78
CA LYS B 257 2.96 -40.59 18.77
C LYS B 257 4.04 -39.59 18.39
N VAL B 258 5.14 -39.62 19.13
CA VAL B 258 6.24 -38.69 18.91
C VAL B 258 7.06 -39.16 17.72
N VAL B 259 7.25 -38.28 16.75
CA VAL B 259 7.98 -38.59 15.52
C VAL B 259 9.25 -37.77 15.51
N GLU B 260 10.38 -38.43 15.37
CA GLU B 260 11.68 -37.76 15.40
C GLU B 260 11.80 -36.80 14.23
N SER B 261 12.36 -35.62 14.51
CA SER B 261 12.61 -34.64 13.47
C SER B 261 14.05 -34.15 13.54
N ALA B 262 14.51 -33.58 12.43
CA ALA B 262 15.82 -32.98 12.36
C ALA B 262 15.89 -31.78 13.30
N PRO B 263 17.10 -31.36 13.67
CA PRO B 263 17.22 -30.15 14.50
C PRO B 263 16.68 -28.93 13.78
N ALA B 264 16.25 -27.95 14.57
CA ALA B 264 15.77 -26.70 14.00
C ALA B 264 16.89 -26.05 13.20
N LEU B 265 16.53 -25.40 12.10
CA LEU B 265 17.51 -24.67 11.30
C LEU B 265 18.17 -23.58 12.14
N GLU B 266 19.45 -23.34 11.88
CA GLU B 266 20.07 -22.14 12.40
C GLU B 266 19.41 -20.92 11.77
N THR B 267 19.54 -19.79 12.47
CA THR B 267 18.87 -18.54 12.08
C THR B 267 19.09 -18.21 10.61
N PHE B 268 20.34 -18.21 10.16
CA PHE B 268 20.61 -17.73 8.81
C PHE B 268 20.24 -18.75 7.77
N ALA B 269 20.37 -20.04 8.11
CA ALA B 269 19.85 -21.10 7.24
C ALA B 269 18.35 -20.91 7.00
N GLU B 270 17.61 -20.55 8.05
CA GLU B 270 16.18 -20.34 7.91
C GLU B 270 15.87 -19.15 7.01
N ILE B 271 16.51 -18.01 7.27
CA ILE B 271 16.31 -16.86 6.39
C ILE B 271 16.65 -17.23 4.95
N TYR B 272 17.80 -17.87 4.75
CA TYR B 272 18.26 -18.18 3.39
C TYR B 272 17.24 -19.02 2.64
N GLN B 273 16.77 -20.11 3.25
CA GLN B 273 15.77 -20.97 2.62
C GLN B 273 14.49 -20.21 2.33
N GLY B 274 14.12 -19.28 3.21
CA GLY B 274 12.93 -18.47 2.99
C GLY B 274 13.05 -17.61 1.75
N LEU B 275 14.22 -17.00 1.56
CA LEU B 275 14.45 -16.13 0.41
C LEU B 275 14.51 -16.92 -0.89
N VAL B 276 15.14 -18.11 -0.85
CA VAL B 276 15.14 -19.00 -2.00
C VAL B 276 13.71 -19.36 -2.39
N MET B 277 12.92 -19.80 -1.42
CA MET B 277 11.54 -20.15 -1.72
C MET B 277 10.78 -18.95 -2.28
N ALA B 278 10.93 -17.78 -1.65
CA ALA B 278 10.14 -16.63 -2.11
C ALA B 278 10.52 -16.26 -3.53
N THR B 279 11.81 -16.34 -3.85
CA THR B 279 12.28 -16.02 -5.19
C THR B 279 11.72 -17.02 -6.22
N ARG B 280 11.85 -18.31 -5.95
CA ARG B 280 11.31 -19.34 -6.83
C ARG B 280 9.81 -19.13 -7.08
N ASP B 281 9.04 -18.95 -6.00
CA ASP B 281 7.59 -18.83 -6.13
C ASP B 281 7.19 -17.60 -6.96
N TYR B 282 7.80 -16.45 -6.71
CA TYR B 282 7.46 -15.28 -7.52
C TYR B 282 7.81 -15.52 -8.99
N VAL B 283 8.97 -16.14 -9.24
CA VAL B 283 9.35 -16.45 -10.61
C VAL B 283 8.32 -17.38 -11.25
N GLU B 284 8.00 -18.48 -10.57
CA GLU B 284 7.15 -19.48 -11.21
C GLU B 284 5.72 -18.98 -11.35
N ARG B 285 5.16 -18.32 -10.33
CA ARG B 285 3.75 -17.96 -10.39
C ARG B 285 3.47 -16.87 -11.40
N SER B 286 4.44 -16.00 -11.67
CA SER B 286 4.30 -15.02 -12.74
C SER B 286 4.65 -15.61 -14.10
N GLY B 287 5.07 -16.86 -14.15
CA GLY B 287 5.39 -17.50 -15.42
C GLY B 287 6.61 -16.98 -16.13
N PHE B 288 7.66 -16.55 -15.37
CA PHE B 288 8.90 -16.06 -16.01
C PHE B 288 9.75 -17.24 -16.48
N PRO B 289 10.37 -17.15 -17.66
CA PRO B 289 11.31 -18.21 -18.09
C PRO B 289 12.62 -18.21 -17.30
N GLY B 290 12.99 -17.08 -16.71
CA GLY B 290 14.22 -17.02 -15.94
C GLY B 290 14.36 -15.66 -15.31
N VAL B 291 15.55 -15.39 -14.78
CA VAL B 291 15.86 -14.15 -14.12
C VAL B 291 17.20 -13.61 -14.64
N ILE B 292 17.37 -12.30 -14.51
CA ILE B 292 18.60 -11.65 -14.90
C ILE B 292 18.92 -10.64 -13.80
N LEU B 293 20.21 -10.39 -13.58
CA LEU B 293 20.58 -9.38 -12.60
C LEU B 293 21.95 -8.83 -12.96
N GLY B 294 22.18 -7.59 -12.53
CA GLY B 294 23.51 -6.98 -12.67
C GLY B 294 24.44 -7.53 -11.61
N LEU B 295 25.65 -7.91 -12.02
CA LEU B 295 26.70 -8.37 -11.13
C LEU B 295 27.75 -7.28 -11.00
N SER B 296 27.92 -6.77 -9.80
CA SER B 296 28.82 -5.63 -9.58
C SER B 296 30.19 -6.03 -9.02
N GLY B 297 30.39 -7.30 -8.69
CA GLY B 297 31.52 -7.67 -7.86
C GLY B 297 31.28 -7.47 -6.37
N GLY B 298 30.18 -6.79 -5.98
CA GLY B 298 29.86 -6.58 -4.58
C GLY B 298 29.00 -7.70 -3.98
N ILE B 299 28.87 -7.67 -2.66
CA ILE B 299 28.31 -8.83 -1.98
C ILE B 299 26.80 -8.96 -2.18
N ASP B 300 26.08 -7.85 -2.29
CA ASP B 300 24.62 -7.93 -2.46
C ASP B 300 24.26 -8.70 -3.72
N SER B 301 24.88 -8.35 -4.86
CA SER B 301 24.54 -9.05 -6.10
C SER B 301 25.08 -10.46 -6.11
N ALA B 302 26.25 -10.69 -5.48
CA ALA B 302 26.77 -12.04 -5.37
C ALA B 302 25.84 -12.94 -4.56
N LEU B 303 25.29 -12.40 -3.46
CA LEU B 303 24.32 -13.19 -2.68
C LEU B 303 23.04 -13.44 -3.48
N THR B 304 22.52 -12.40 -4.14
CA THR B 304 21.29 -12.56 -4.93
C THR B 304 21.50 -13.59 -6.05
N LEU B 305 22.69 -13.60 -6.65
CA LEU B 305 23.02 -14.60 -7.66
C LEU B 305 22.91 -16.02 -7.09
N ALA B 306 23.53 -16.26 -5.93
CA ALA B 306 23.43 -17.58 -5.33
C ALA B 306 21.97 -17.94 -5.01
N ILE B 307 21.20 -17.00 -4.47
CA ILE B 307 19.81 -17.30 -4.14
C ILE B 307 19.01 -17.65 -5.39
N ALA B 308 19.21 -16.88 -6.47
CA ALA B 308 18.51 -17.14 -7.73
C ALA B 308 18.85 -18.52 -8.28
N VAL B 309 20.15 -18.89 -8.26
CA VAL B 309 20.58 -20.19 -8.74
C VAL B 309 19.97 -21.31 -7.89
N ASP B 310 19.99 -21.14 -6.55
CA ASP B 310 19.34 -22.11 -5.68
C ASP B 310 17.83 -22.19 -5.94
N ALA B 311 17.21 -21.06 -6.33
CA ALA B 311 15.76 -21.05 -6.50
C ALA B 311 15.33 -21.78 -7.77
N ILE B 312 15.92 -21.47 -8.93
CA ILE B 312 15.39 -21.97 -10.19
C ILE B 312 16.42 -22.68 -11.06
N GLY B 313 17.66 -22.87 -10.59
CA GLY B 313 18.67 -23.56 -11.35
C GLY B 313 19.50 -22.63 -12.23
N ALA B 314 20.80 -22.91 -12.36
CA ALA B 314 21.69 -22.02 -13.09
C ALA B 314 21.29 -21.84 -14.54
N GLU B 315 20.70 -22.87 -15.17
CA GLU B 315 20.28 -22.76 -16.56
C GLU B 315 19.24 -21.66 -16.77
N ARG B 316 18.55 -21.20 -15.73
CA ARG B 316 17.54 -20.16 -15.89
C ARG B 316 17.99 -18.81 -15.32
N VAL B 317 19.27 -18.65 -15.04
CA VAL B 317 19.79 -17.42 -14.46
C VAL B 317 20.79 -16.80 -15.43
N GLN B 318 20.70 -15.49 -15.59
CA GLN B 318 21.61 -14.75 -16.44
C GLN B 318 22.22 -13.62 -15.64
N ALA B 319 23.51 -13.35 -15.84
CA ALA B 319 24.22 -12.30 -15.13
C ALA B 319 24.92 -11.37 -16.12
N VAL B 320 24.88 -10.07 -15.83
CA VAL B 320 25.55 -9.07 -16.66
C VAL B 320 26.42 -8.19 -15.77
N MET B 321 27.69 -8.08 -16.10
CA MET B 321 28.60 -7.12 -15.49
C MET B 321 28.68 -5.91 -16.39
N MET B 322 28.49 -4.71 -15.81
CA MET B 322 28.41 -3.48 -16.59
C MET B 322 29.44 -2.49 -16.06
N PRO B 323 30.72 -2.68 -16.37
CA PRO B 323 31.76 -1.80 -15.83
C PRO B 323 31.70 -0.42 -16.45
N TYR B 324 32.18 0.56 -15.68
CA TYR B 324 32.45 1.91 -16.16
C TYR B 324 33.88 2.28 -15.76
N THR B 325 34.24 3.56 -15.84
CA THR B 325 35.62 4.00 -15.66
C THR B 325 36.21 3.55 -14.32
N TYR B 326 35.46 3.72 -13.23
CA TYR B 326 35.96 3.41 -11.90
C TYR B 326 35.62 1.99 -11.46
N THR B 327 35.40 1.08 -12.40
CA THR B 327 35.12 -0.32 -12.10
C THR B 327 36.43 -1.11 -12.07
N SER B 328 36.81 -1.59 -10.88
CA SER B 328 38.07 -2.32 -10.72
C SER B 328 38.08 -3.64 -11.51
N GLN B 329 39.26 -4.00 -12.01
CA GLN B 329 39.41 -5.29 -12.67
C GLN B 329 39.12 -6.44 -11.73
N ILE B 330 39.44 -6.27 -10.43
CA ILE B 330 39.10 -7.26 -9.41
C ILE B 330 37.59 -7.48 -9.36
N SER B 331 36.82 -6.40 -9.48
CA SER B 331 35.37 -6.55 -9.50
C SER B 331 34.92 -7.44 -10.64
N VAL B 332 35.53 -7.29 -11.82
CA VAL B 332 35.10 -8.07 -12.98
C VAL B 332 35.46 -9.53 -12.81
N GLU B 333 36.65 -9.82 -12.26
CA GLU B 333 37.08 -11.21 -12.07
C GLU B 333 36.21 -11.93 -11.04
N ASP B 334 35.86 -11.26 -9.93
CA ASP B 334 35.03 -11.92 -8.94
C ASP B 334 33.65 -12.23 -9.48
N ALA B 335 33.06 -11.29 -10.22
CA ALA B 335 31.76 -11.54 -10.85
C ALA B 335 31.85 -12.69 -11.85
N ALA B 336 32.88 -12.67 -12.72
CA ALA B 336 33.02 -13.71 -13.72
C ALA B 336 33.25 -15.07 -13.08
N GLU B 337 34.07 -15.10 -12.03
CA GLU B 337 34.42 -16.38 -11.39
C GLU B 337 33.23 -17.01 -10.69
N GLN B 338 32.42 -16.22 -9.97
CA GLN B 338 31.24 -16.79 -9.35
C GLN B 338 30.26 -17.31 -10.40
N ALA B 339 30.05 -16.54 -11.47
CA ALA B 339 29.19 -17.00 -12.55
C ALA B 339 29.71 -18.32 -13.12
N ARG B 340 31.03 -18.41 -13.31
CA ARG B 340 31.61 -19.66 -13.81
C ARG B 340 31.43 -20.80 -12.81
N ARG B 341 31.73 -20.55 -11.52
CA ARG B 341 31.57 -21.62 -10.53
C ARG B 341 30.14 -22.11 -10.45
N MET B 342 29.17 -21.22 -10.62
CA MET B 342 27.78 -21.61 -10.50
C MET B 342 27.16 -22.03 -11.82
N GLY B 343 27.87 -21.91 -12.93
CA GLY B 343 27.33 -22.36 -14.21
C GLY B 343 26.33 -21.42 -14.82
N VAL B 344 26.45 -20.12 -14.54
CA VAL B 344 25.52 -19.08 -14.98
C VAL B 344 26.05 -18.38 -16.23
N THR B 345 25.16 -18.14 -17.19
CA THR B 345 25.49 -17.31 -18.34
C THR B 345 25.92 -15.92 -17.89
N PHE B 346 27.03 -15.45 -18.43
CA PHE B 346 27.67 -14.22 -17.97
C PHE B 346 28.07 -13.37 -19.17
N GLY B 347 27.71 -12.09 -19.15
CA GLY B 347 28.12 -11.17 -20.19
C GLY B 347 28.64 -9.87 -19.61
N ILE B 348 29.41 -9.16 -20.42
CA ILE B 348 29.98 -7.88 -20.03
C ILE B 348 29.49 -6.82 -20.98
N ALA B 349 28.87 -5.76 -20.45
CA ALA B 349 28.29 -4.69 -21.25
C ALA B 349 28.79 -3.36 -20.68
N GLU B 350 29.79 -2.79 -21.35
CA GLU B 350 30.39 -1.52 -20.93
C GLU B 350 29.42 -0.36 -21.17
N ILE B 351 29.42 0.60 -20.24
CA ILE B 351 28.47 1.70 -20.29
C ILE B 351 29.10 3.05 -20.60
N HIS B 352 30.41 3.11 -20.86
CA HIS B 352 31.06 4.40 -20.94
C HIS B 352 30.52 5.21 -22.12
N SER B 353 30.19 4.55 -23.22
CA SER B 353 29.66 5.26 -24.37
C SER B 353 28.24 5.78 -24.09
N ILE B 354 27.40 4.97 -23.44
CA ILE B 354 26.06 5.41 -23.07
C ILE B 354 26.13 6.62 -22.15
N VAL B 355 26.96 6.52 -21.11
CA VAL B 355 27.07 7.62 -20.14
C VAL B 355 27.57 8.87 -20.83
N ASN B 356 28.58 8.74 -21.68
CA ASN B 356 29.11 9.91 -22.38
C ASN B 356 28.03 10.59 -23.22
N SER B 357 27.17 9.82 -23.90
CA SER B 357 26.09 10.42 -24.69
C SER B 357 25.13 11.23 -23.80
N PHE B 358 24.75 10.67 -22.66
CA PHE B 358 23.94 11.42 -21.70
C PHE B 358 24.62 12.73 -21.32
N MET B 359 25.92 12.67 -20.98
CA MET B 359 26.64 13.86 -20.53
C MET B 359 26.68 14.91 -21.62
N GLN B 360 26.94 14.49 -22.87
CA GLN B 360 26.92 15.42 -23.98
C GLN B 360 25.55 16.07 -24.11
N THR B 361 24.48 15.29 -23.95
CA THR B 361 23.15 15.84 -24.10
C THR B 361 22.81 16.78 -22.94
N LEU B 362 23.26 16.44 -21.73
CA LEU B 362 22.95 17.28 -20.57
C LEU B 362 23.80 18.53 -20.49
N TYR B 363 24.97 18.54 -21.14
CA TYR B 363 25.94 19.63 -21.00
C TYR B 363 25.34 21.02 -21.14
N PRO B 364 24.49 21.33 -22.13
CA PRO B 364 23.98 22.71 -22.23
C PRO B 364 23.09 23.13 -21.08
N PHE B 365 22.51 22.19 -20.34
CA PHE B 365 21.72 22.50 -19.15
C PHE B 365 22.59 22.64 -17.91
N PHE B 366 23.53 21.71 -17.74
CA PHE B 366 24.45 21.76 -16.60
C PHE B 366 25.37 22.97 -16.67
N GLY B 367 25.94 23.24 -17.84
CA GLY B 367 26.91 24.31 -17.96
C GLY B 367 28.20 23.94 -17.27
N SER B 369 28.24 24.09 -13.21
CA SER B 369 27.84 23.03 -12.29
C SER B 369 28.99 22.12 -11.88
N PRO B 370 29.21 21.97 -10.58
CA PRO B 370 30.22 21.02 -10.12
C PRO B 370 29.69 19.59 -10.19
N ALA B 371 30.56 18.66 -10.57
CA ALA B 371 30.14 17.26 -10.65
C ALA B 371 29.74 16.77 -9.26
N ASP B 372 28.76 15.86 -9.22
CA ASP B 372 28.22 15.43 -7.94
C ASP B 372 27.55 14.06 -8.13
N ALA B 373 26.52 13.79 -7.32
CA ALA B 373 25.81 12.52 -7.44
C ALA B 373 25.17 12.36 -8.82
N THR B 374 24.78 13.46 -9.47
CA THR B 374 24.11 13.40 -10.76
C THR B 374 24.85 12.50 -11.75
N GLU B 375 26.16 12.70 -11.89
CA GLU B 375 26.94 11.92 -12.84
C GLU B 375 26.97 10.44 -12.45
N GLU B 376 27.10 10.15 -11.16
CA GLU B 376 27.11 8.76 -10.73
C GLU B 376 25.73 8.13 -10.89
N ASN B 377 24.66 8.93 -10.71
CA ASN B 377 23.31 8.40 -10.89
C ASN B 377 23.06 7.98 -12.34
N LEU B 378 23.65 8.70 -13.30
CA LEU B 378 23.52 8.33 -14.71
C LEU B 378 24.04 6.93 -14.94
N GLN B 379 25.13 6.57 -14.27
CA GLN B 379 25.71 5.24 -14.44
C GLN B 379 24.72 4.17 -13.99
N ALA B 380 24.12 4.36 -12.80
CA ALA B 380 23.10 3.43 -12.30
C ALA B 380 21.92 3.31 -13.27
N ARG B 381 21.47 4.43 -13.83
CA ARG B 381 20.31 4.38 -14.72
C ARG B 381 20.64 3.73 -16.05
N ALA B 382 21.86 3.96 -16.57
CA ALA B 382 22.29 3.25 -17.78
C ALA B 382 22.25 1.75 -17.57
N ARG B 383 22.75 1.28 -16.41
CA ARG B 383 22.71 -0.14 -16.10
C ARG B 383 21.28 -0.65 -16.05
N GLY B 384 20.40 0.10 -15.37
CA GLY B 384 19.03 -0.34 -15.23
C GLY B 384 18.33 -0.42 -16.58
N THR B 385 18.59 0.54 -17.44
CA THR B 385 17.96 0.52 -18.77
C THR B 385 18.50 -0.63 -19.60
N LEU B 386 19.79 -0.95 -19.48
CA LEU B 386 20.36 -2.08 -20.21
C LEU B 386 19.70 -3.38 -19.78
N LEU B 387 19.58 -3.59 -18.46
CA LEU B 387 18.93 -4.79 -17.95
C LEU B 387 17.48 -4.88 -18.41
N MET B 388 16.78 -3.74 -18.45
CA MET B 388 15.39 -3.78 -18.89
C MET B 388 15.30 -3.99 -20.40
N GLY B 389 16.30 -3.57 -21.16
CA GLY B 389 16.33 -3.93 -22.57
C GLY B 389 16.42 -5.44 -22.78
N LEU B 390 17.32 -6.10 -22.05
CA LEU B 390 17.42 -7.55 -22.13
C LEU B 390 16.15 -8.22 -21.62
N SER B 391 15.58 -7.67 -20.55
CA SER B 391 14.34 -8.22 -19.99
C SER B 391 13.19 -8.09 -20.96
N ASN B 392 12.99 -6.89 -21.53
CA ASN B 392 11.94 -6.68 -22.53
C ASN B 392 12.08 -7.66 -23.69
N LYS B 393 13.31 -7.89 -24.15
CA LYS B 393 13.51 -8.66 -25.38
C LYS B 393 13.30 -10.15 -25.17
N PHE B 394 13.85 -10.70 -24.08
CA PHE B 394 13.88 -12.14 -23.90
C PHE B 394 13.06 -12.64 -22.71
N GLY B 395 12.54 -11.76 -21.87
CA GLY B 395 11.56 -12.13 -20.86
C GLY B 395 12.06 -12.51 -19.49
N ASN B 396 13.37 -12.41 -19.20
CA ASN B 396 13.78 -12.73 -17.82
C ASN B 396 13.36 -11.64 -16.85
N LEU B 397 12.92 -12.06 -15.67
CA LEU B 397 12.65 -11.13 -14.56
C LEU B 397 13.94 -10.51 -14.06
N VAL B 398 13.95 -9.20 -13.89
CA VAL B 398 15.10 -8.52 -13.30
C VAL B 398 15.01 -8.58 -11.79
N LEU B 399 16.06 -9.09 -11.15
CA LEU B 399 16.17 -9.12 -9.70
C LEU B 399 16.97 -7.91 -9.26
N SER B 400 16.33 -7.00 -8.52
CA SER B 400 17.10 -5.90 -7.94
CA SER B 400 17.06 -5.90 -7.91
C SER B 400 17.83 -6.39 -6.69
N THR B 401 18.99 -5.77 -6.44
CA THR B 401 19.86 -6.23 -5.37
C THR B 401 20.00 -5.25 -4.20
N GLY B 402 19.12 -4.25 -4.07
CA GLY B 402 19.20 -3.37 -2.92
C GLY B 402 18.80 -4.07 -1.63
N ASN B 403 19.43 -3.66 -0.53
CA ASN B 403 19.17 -4.24 0.78
C ASN B 403 18.44 -3.24 1.68
N LYS B 404 18.05 -3.71 2.86
CA LYS B 404 17.20 -2.90 3.74
C LYS B 404 17.93 -1.67 4.27
N SER B 405 19.24 -1.77 4.52
CA SER B 405 20.00 -0.60 4.99
C SER B 405 20.01 0.50 3.94
N GLU B 406 20.23 0.13 2.69
CA GLU B 406 20.24 1.10 1.59
C GLU B 406 18.86 1.75 1.41
N LEU B 407 17.82 0.93 1.38
CA LEU B 407 16.48 1.47 1.17
C LEU B 407 16.03 2.29 2.36
N SER B 408 16.54 1.99 3.56
CA SER B 408 16.20 2.79 4.73
C SER B 408 16.64 4.24 4.55
N VAL B 409 17.89 4.45 4.13
CA VAL B 409 18.46 5.79 4.13
C VAL B 409 18.55 6.36 2.73
N GLY B 410 17.92 5.72 1.76
CA GLY B 410 17.93 6.23 0.40
C GLY B 410 19.28 6.16 -0.30
N TYR B 411 20.13 5.21 0.09
CA TYR B 411 21.40 5.02 -0.61
C TYR B 411 21.18 4.03 -1.76
N CYS B 412 20.35 4.51 -2.68
CA CYS B 412 19.95 3.78 -3.86
CA CYS B 412 19.86 3.77 -3.83
C CYS B 412 19.45 4.81 -4.86
N THR B 413 19.44 4.42 -6.12
CA THR B 413 19.05 5.34 -7.17
C THR B 413 17.73 4.91 -7.78
N LEU B 414 16.77 5.82 -7.78
CA LEU B 414 15.51 5.61 -8.46
C LEU B 414 15.79 5.34 -9.94
N TYR B 415 15.12 4.30 -10.48
CA TYR B 415 15.26 3.91 -11.87
C TYR B 415 16.70 3.53 -12.24
N GLY B 416 17.57 3.32 -11.25
CA GLY B 416 18.93 2.88 -11.48
C GLY B 416 19.17 1.49 -10.91
N ASP B 417 19.78 1.41 -9.72
CA ASP B 417 19.93 0.12 -9.05
C ASP B 417 18.65 -0.33 -8.35
N MET B 418 17.62 0.51 -8.28
CA MET B 418 16.31 0.05 -7.83
C MET B 418 15.55 -0.71 -8.92
N VAL B 419 16.04 -0.71 -10.16
CA VAL B 419 15.34 -1.36 -11.26
C VAL B 419 15.18 -2.85 -10.98
N GLY B 420 13.95 -3.35 -11.16
CA GLY B 420 13.69 -4.76 -10.99
C GLY B 420 12.22 -5.04 -10.75
N GLY B 421 11.86 -6.31 -10.92
CA GLY B 421 10.50 -6.77 -10.65
C GLY B 421 10.40 -7.50 -9.33
N PHE B 422 11.54 -7.84 -8.72
CA PHE B 422 11.56 -8.52 -7.42
C PHE B 422 12.87 -8.18 -6.75
N ALA B 423 12.77 -7.75 -5.49
CA ALA B 423 13.90 -7.28 -4.70
C ALA B 423 14.10 -8.26 -3.56
N VAL B 424 14.95 -9.27 -3.80
CA VAL B 424 15.16 -10.38 -2.88
C VAL B 424 15.61 -9.89 -1.50
N LEU B 425 16.47 -8.87 -1.46
CA LEU B 425 17.13 -8.45 -0.24
C LEU B 425 16.49 -7.20 0.37
N LYS B 426 15.30 -6.81 -0.09
CA LYS B 426 14.78 -5.51 0.32
C LYS B 426 14.49 -5.47 1.83
N ASP B 427 14.20 -6.60 2.46
CA ASP B 427 13.96 -6.62 3.90
C ASP B 427 15.12 -7.20 4.68
N VAL B 428 16.32 -7.28 4.07
CA VAL B 428 17.52 -7.86 4.67
C VAL B 428 18.52 -6.72 4.92
N TYR B 429 18.80 -6.41 6.18
CA TYR B 429 19.87 -5.47 6.51
C TYR B 429 21.23 -5.94 5.98
N LYS B 430 22.09 -4.97 5.66
CA LYS B 430 23.43 -5.29 5.18
C LYS B 430 24.17 -6.24 6.13
N THR B 431 24.08 -5.99 7.44
CA THR B 431 24.62 -6.93 8.42
C THR B 431 24.17 -8.36 8.17
N ILE B 432 22.89 -8.56 7.83
CA ILE B 432 22.38 -9.92 7.60
C ILE B 432 22.87 -10.44 6.24
N VAL B 433 23.04 -9.54 5.26
CA VAL B 433 23.58 -9.95 3.96
C VAL B 433 24.91 -10.67 4.14
N PHE B 434 25.80 -10.10 4.95
CA PHE B 434 27.07 -10.77 5.19
C PHE B 434 26.86 -12.15 5.79
N GLU B 435 25.94 -12.26 6.76
CA GLU B 435 25.75 -13.53 7.42
C GLU B 435 25.21 -14.58 6.47
N LEU B 436 24.31 -14.17 5.56
CA LEU B 436 23.75 -15.10 4.61
C LEU B 436 24.81 -15.58 3.61
N ALA B 437 25.70 -14.68 3.19
CA ALA B 437 26.78 -15.05 2.29
C ALA B 437 27.71 -16.07 2.93
N LYS B 438 28.09 -15.83 4.19
CA LYS B 438 28.92 -16.80 4.90
C LYS B 438 28.20 -18.14 5.01
N TYR B 439 26.92 -18.10 5.36
CA TYR B 439 26.16 -19.33 5.47
C TYR B 439 26.16 -20.10 4.16
N ARG B 440 25.85 -19.42 3.05
CA ARG B 440 25.73 -20.12 1.77
C ARG B 440 27.06 -20.76 1.37
N ASN B 441 28.18 -20.10 1.69
CA ASN B 441 29.49 -20.68 1.40
C ASN B 441 29.77 -21.93 2.24
N SER B 442 29.23 -21.97 3.46
CA SER B 442 29.46 -23.14 4.31
C SER B 442 28.78 -24.39 3.79
N LEU B 443 27.94 -24.27 2.77
CA LEU B 443 27.22 -25.41 2.21
C LEU B 443 27.99 -26.15 1.14
N SER B 444 29.15 -25.65 0.76
CA SER B 444 29.87 -26.19 -0.39
C SER B 444 31.35 -26.29 -0.09
N GLU B 445 31.98 -27.35 -0.62
CA GLU B 445 33.40 -27.52 -0.39
C GLU B 445 34.18 -26.31 -0.91
N THR B 446 33.81 -25.83 -2.09
CA THR B 446 34.38 -24.63 -2.68
C THR B 446 33.37 -23.51 -2.60
N PRO B 447 33.68 -22.40 -1.94
CA PRO B 447 32.69 -21.33 -1.78
C PRO B 447 32.17 -20.86 -3.13
N VAL B 448 30.84 -20.71 -3.21
CA VAL B 448 30.23 -20.22 -4.44
C VAL B 448 30.44 -18.71 -4.56
N ILE B 449 30.38 -18.00 -3.44
CA ILE B 449 30.65 -16.57 -3.40
C ILE B 449 32.14 -16.42 -3.10
N PRO B 450 32.93 -15.85 -4.02
CA PRO B 450 34.38 -15.72 -3.76
C PRO B 450 34.62 -15.06 -2.42
N GLU B 451 35.51 -15.67 -1.63
CA GLU B 451 35.64 -15.28 -0.22
C GLU B 451 36.07 -13.83 -0.04
N ARG B 452 36.89 -13.29 -0.94
CA ARG B 452 37.30 -11.89 -0.80
C ARG B 452 36.11 -10.94 -0.92
N VAL B 453 35.06 -11.32 -1.67
CA VAL B 453 33.88 -10.47 -1.79
C VAL B 453 33.28 -10.20 -0.42
N ILE B 454 33.30 -11.20 0.46
CA ILE B 454 32.76 -11.06 1.80
C ILE B 454 33.59 -10.17 2.70
N THR B 455 34.83 -9.84 2.32
CA THR B 455 35.70 -8.97 3.13
C THR B 455 36.33 -7.88 2.24
N ARG B 456 35.54 -6.85 1.95
CA ARG B 456 36.02 -5.71 1.15
C ARG B 456 36.24 -4.47 2.02
N SER B 471 -4.79 -5.00 -30.29
CA SER B 471 -5.22 -3.61 -30.49
C SER B 471 -6.46 -3.26 -29.66
N LEU B 472 -6.29 -2.36 -28.70
CA LEU B 472 -7.36 -1.98 -27.81
C LEU B 472 -8.34 -1.04 -28.52
N PRO B 473 -9.56 -0.93 -28.01
CA PRO B 473 -10.51 0.02 -28.60
C PRO B 473 -10.07 1.46 -28.35
N ALA B 474 -10.73 2.39 -29.02
CA ALA B 474 -10.47 3.80 -28.76
C ALA B 474 -10.82 4.16 -27.31
N TYR B 475 -10.23 5.27 -26.85
CA TYR B 475 -10.30 5.60 -25.44
CA TYR B 475 -10.31 5.63 -25.43
C TYR B 475 -11.74 5.74 -24.93
N ASP B 476 -12.68 6.17 -25.77
CA ASP B 476 -14.03 6.35 -25.25
C ASP B 476 -14.67 5.01 -24.88
N VAL B 477 -14.48 3.98 -25.71
CA VAL B 477 -14.93 2.64 -25.37
C VAL B 477 -14.06 2.04 -24.26
N LEU B 478 -12.74 2.17 -24.40
CA LEU B 478 -11.84 1.60 -23.40
C LEU B 478 -12.13 2.14 -22.00
N ASP B 479 -12.37 3.45 -21.89
CA ASP B 479 -12.57 4.05 -20.57
C ASP B 479 -13.90 3.63 -19.96
N ALA B 480 -14.93 3.38 -20.80
CA ALA B 480 -16.19 2.86 -20.29
C ALA B 480 -16.02 1.46 -19.72
N ILE B 481 -15.25 0.60 -20.40
CA ILE B 481 -15.01 -0.74 -19.88
C ILE B 481 -14.20 -0.68 -18.57
N LEU B 482 -13.18 0.17 -18.53
CA LEU B 482 -12.37 0.31 -17.31
C LEU B 482 -13.21 0.85 -16.15
N TYR B 483 -14.03 1.87 -16.40
CA TYR B 483 -14.89 2.39 -15.34
C TYR B 483 -15.78 1.28 -14.78
N ALA B 484 -16.31 0.43 -15.66
CA ALA B 484 -17.17 -0.67 -15.23
C ALA B 484 -16.41 -1.68 -14.37
N TYR B 485 -15.16 -1.99 -14.75
CA TYR B 485 -14.38 -3.00 -14.03
C TYR B 485 -13.79 -2.45 -12.75
N ILE B 486 -13.37 -1.19 -12.77
CA ILE B 486 -12.63 -0.63 -11.66
CA ILE B 486 -12.62 -0.62 -11.66
C ILE B 486 -13.61 0.06 -10.72
N GLU B 487 -14.07 1.26 -11.10
CA GLU B 487 -14.99 2.00 -10.26
C GLU B 487 -16.22 1.17 -9.88
N GLU B 488 -16.82 0.46 -10.84
CA GLU B 488 -18.03 -0.28 -10.52
C GLU B 488 -17.74 -1.70 -10.04
N ASP B 489 -16.49 -2.15 -10.11
CA ASP B 489 -16.09 -3.48 -9.65
C ASP B 489 -17.03 -4.55 -10.19
N LEU B 490 -17.39 -4.43 -11.47
CA LEU B 490 -18.27 -5.40 -12.10
C LEU B 490 -17.48 -6.56 -12.69
N GLY B 491 -18.09 -7.73 -12.66
CA GLY B 491 -17.50 -8.88 -13.28
C GLY B 491 -17.67 -8.86 -14.79
N GLN B 492 -16.94 -9.78 -15.43
CA GLN B 492 -16.85 -9.77 -16.88
C GLN B 492 -18.23 -9.89 -17.54
N ALA B 493 -19.07 -10.80 -17.04
CA ALA B 493 -20.40 -10.98 -17.63
C ALA B 493 -21.23 -9.71 -17.56
N ASP B 494 -21.16 -9.00 -16.43
CA ASP B 494 -21.95 -7.78 -16.31
C ASP B 494 -21.42 -6.66 -17.20
N ILE B 495 -20.11 -6.57 -17.40
CA ILE B 495 -19.62 -5.53 -18.31
C ILE B 495 -20.09 -5.83 -19.74
N ILE B 496 -20.00 -7.09 -20.17
CA ILE B 496 -20.45 -7.47 -21.50
C ILE B 496 -21.93 -7.13 -21.68
N ALA B 497 -22.75 -7.37 -20.65
CA ALA B 497 -24.18 -7.09 -20.73
C ALA B 497 -24.48 -5.61 -20.95
N LYS B 498 -23.52 -4.73 -20.72
CA LYS B 498 -23.74 -3.33 -21.06
C LYS B 498 -23.76 -3.10 -22.58
N GLY B 499 -23.32 -4.07 -23.37
CA GLY B 499 -23.28 -3.93 -24.82
C GLY B 499 -21.88 -3.97 -25.42
N PHE B 500 -20.88 -4.36 -24.64
CA PHE B 500 -19.52 -4.43 -25.14
C PHE B 500 -19.19 -5.83 -25.65
N ASP B 501 -18.27 -5.90 -26.62
CA ASP B 501 -17.89 -7.19 -27.19
C ASP B 501 -17.12 -8.06 -26.19
N LYS B 502 -17.42 -9.35 -26.19
CA LYS B 502 -16.90 -10.26 -25.17
C LYS B 502 -15.37 -10.37 -25.22
N GLU B 503 -14.79 -10.60 -26.40
CA GLU B 503 -13.35 -10.75 -26.47
C GLU B 503 -12.63 -9.46 -26.08
N VAL B 504 -13.21 -8.31 -26.41
CA VAL B 504 -12.61 -7.05 -26.03
C VAL B 504 -12.63 -6.88 -24.51
N VAL B 505 -13.76 -7.18 -23.87
CA VAL B 505 -13.84 -7.07 -22.41
C VAL B 505 -12.85 -8.02 -21.73
N GLU B 506 -12.74 -9.25 -22.26
CA GLU B 506 -11.82 -10.22 -21.68
C GLU B 506 -10.39 -9.74 -21.79
N LYS B 507 -10.03 -9.17 -22.94
CA LYS B 507 -8.68 -8.67 -23.14
C LYS B 507 -8.39 -7.51 -22.19
N VAL B 508 -9.34 -6.58 -22.06
CA VAL B 508 -9.09 -5.43 -21.20
C VAL B 508 -8.91 -5.87 -19.74
N ILE B 509 -9.78 -6.76 -19.25
CA ILE B 509 -9.67 -7.21 -17.87
C ILE B 509 -8.32 -7.90 -17.64
N ARG B 510 -7.93 -8.77 -18.58
CA ARG B 510 -6.64 -9.43 -18.53
C ARG B 510 -5.49 -8.42 -18.41
N LEU B 511 -5.54 -7.36 -19.23
CA LEU B 511 -4.47 -6.37 -19.20
C LEU B 511 -4.43 -5.62 -17.86
N VAL B 512 -5.61 -5.32 -17.31
CA VAL B 512 -5.67 -4.64 -16.02
C VAL B 512 -5.00 -5.46 -14.93
N ASP B 513 -5.41 -6.72 -14.78
CA ASP B 513 -4.84 -7.59 -13.75
C ASP B 513 -3.33 -7.81 -13.97
N ARG B 514 -2.93 -7.94 -15.22
CA ARG B 514 -1.55 -8.26 -15.50
C ARG B 514 -0.62 -7.12 -15.16
N ASN B 515 -1.13 -5.89 -15.12
CA ASN B 515 -0.27 -4.73 -14.90
C ASN B 515 -0.40 -4.14 -13.50
N GLU B 516 -0.92 -4.94 -12.56
CA GLU B 516 -0.84 -4.55 -11.15
C GLU B 516 0.61 -4.29 -10.71
N TYR B 517 1.54 -5.19 -11.06
CA TYR B 517 2.93 -5.01 -10.63
C TYR B 517 3.50 -3.68 -11.12
N LYS B 518 3.11 -3.25 -12.33
CA LYS B 518 3.68 -2.03 -12.90
C LYS B 518 3.13 -0.80 -12.18
N ARG B 519 1.83 -0.78 -11.90
CA ARG B 519 1.24 0.35 -11.19
C ARG B 519 1.90 0.58 -9.83
N ARG B 520 2.37 -0.49 -9.16
CA ARG B 520 2.95 -0.35 -7.82
C ARG B 520 4.22 0.51 -7.82
N GLN B 521 4.96 0.50 -8.91
CA GLN B 521 6.23 1.21 -8.96
C GLN B 521 6.08 2.65 -9.44
N GLY B 522 4.87 3.07 -9.86
CA GLY B 522 4.69 4.44 -10.29
C GLY B 522 4.57 5.39 -9.11
N ALA B 523 4.78 6.67 -9.40
CA ALA B 523 4.69 7.72 -8.38
C ALA B 523 3.26 7.87 -7.87
N ILE B 524 3.14 8.40 -6.65
CA ILE B 524 1.81 8.74 -6.14
C ILE B 524 1.22 9.88 -6.93
N GLY B 525 -0.10 10.00 -6.85
CA GLY B 525 -0.85 11.04 -7.53
C GLY B 525 -2.21 11.19 -6.90
N PRO B 526 -2.92 12.27 -7.21
CA PRO B 526 -4.13 12.62 -6.44
C PRO B 526 -5.38 11.88 -6.92
N ARG B 527 -6.09 11.31 -5.95
CA ARG B 527 -7.34 10.61 -6.21
C ARG B 527 -8.46 11.58 -6.57
N ILE B 528 -9.22 11.27 -7.61
CA ILE B 528 -10.40 12.08 -7.93
C ILE B 528 -11.62 11.20 -8.16
N THR B 529 -11.45 9.90 -8.18
CA THR B 529 -12.52 8.97 -8.53
C THR B 529 -12.96 8.22 -7.28
N SER B 530 -13.98 7.40 -7.44
CA SER B 530 -14.46 6.51 -6.38
C SER B 530 -13.60 5.25 -6.26
N ARG B 531 -12.61 5.05 -7.13
CA ARG B 531 -11.77 3.86 -6.97
CA ARG B 531 -11.78 3.85 -7.00
C ARG B 531 -10.37 4.07 -7.55
N ALA B 532 -9.50 4.70 -6.76
CA ALA B 532 -8.13 4.89 -7.17
C ALA B 532 -7.32 3.59 -7.07
N PHE B 533 -6.34 3.44 -7.96
CA PHE B 533 -5.53 2.21 -7.93
C PHE B 533 -4.68 2.12 -6.66
N SER B 534 -4.14 3.23 -6.19
CA SER B 534 -3.32 3.22 -5.00
C SER B 534 -4.17 3.53 -3.78
N ARG B 535 -3.93 2.78 -2.69
CA ARG B 535 -4.64 2.84 -1.41
C ARG B 535 -6.05 2.25 -1.48
N GLU B 536 -6.85 2.70 -2.45
CA GLU B 536 -8.27 2.34 -2.41
C GLU B 536 -8.52 0.90 -2.89
N ARG B 537 -7.84 0.46 -3.93
CA ARG B 537 -8.07 -0.83 -4.60
C ARG B 537 -6.89 -1.73 -4.27
N ARG B 538 -7.14 -2.83 -3.55
CA ARG B 538 -6.05 -3.65 -3.01
C ARG B 538 -6.15 -5.05 -3.60
N TYR B 539 -5.34 -5.30 -4.62
CA TYR B 539 -5.35 -6.58 -5.31
C TYR B 539 -3.97 -7.22 -5.30
N PRO B 540 -3.89 -8.54 -5.27
CA PRO B 540 -2.58 -9.19 -5.32
C PRO B 540 -1.91 -8.97 -6.68
N ILE B 541 -0.58 -9.02 -6.65
CA ILE B 541 0.18 -9.06 -7.90
C ILE B 541 0.01 -10.44 -8.53
N VAL B 542 0.47 -11.47 -7.80
CA VAL B 542 0.26 -12.88 -8.15
C VAL B 542 -1.21 -13.19 -7.87
N ASN B 543 -2.06 -13.04 -8.89
CA ASN B 543 -3.52 -13.06 -8.75
C ASN B 543 -4.11 -14.14 -9.64
N GLY B 544 -4.87 -15.07 -9.04
CA GLY B 544 -5.44 -16.18 -9.77
C GLY B 544 -6.94 -16.19 -9.95
N TRP B 545 -7.62 -15.06 -9.72
CA TRP B 545 -9.07 -15.03 -9.79
C TRP B 545 -9.56 -15.27 -11.23
N THR B 546 -10.28 -16.37 -11.45
CA THR B 546 -10.74 -16.71 -12.79
C THR B 546 -11.92 -15.84 -13.19
N ALA B 547 -11.95 -15.46 -14.47
CA ALA B 547 -12.89 -14.44 -14.92
C ALA B 547 -14.34 -14.85 -14.78
N ASN B 548 -14.67 -16.12 -14.94
CA ASN B 548 -16.07 -16.49 -15.12
C ASN B 548 -16.77 -16.85 -13.81
N ASP B 549 -17.77 -16.03 -13.48
CA ASP B 549 -18.75 -16.06 -12.39
C ASP B 549 -18.63 -17.08 -11.26
PB ADP C . 20.20 10.21 -5.15
O1B ADP C . 19.34 9.99 -3.92
O2B ADP C . 20.91 11.52 -5.11
O3B ADP C . 21.15 9.00 -5.33
PA ADP C . 17.75 9.75 -6.74
O1A ADP C . 17.61 8.24 -6.59
O2A ADP C . 17.39 10.14 -8.13
O3A ADP C . 19.25 10.17 -6.44
O5' ADP C . 16.84 10.52 -5.66
C5' ADP C . 16.68 11.96 -5.61
C4' ADP C . 15.56 12.43 -6.51
O4' ADP C . 14.28 12.00 -6.00
C3' ADP C . 15.44 13.94 -6.65
O3' ADP C . 16.34 14.42 -7.65
C2' ADP C . 13.97 14.13 -7.02
O2' ADP C . 13.73 13.95 -8.42
C1' ADP C . 13.29 12.99 -6.24
N9 ADP C . 12.69 13.38 -4.97
C8 ADP C . 13.35 13.82 -3.85
N7 ADP C . 12.55 14.06 -2.82
C5 ADP C . 11.29 13.76 -3.32
C6 ADP C . 10.01 13.82 -2.73
N6 ADP C . 9.77 14.23 -1.48
N1 ADP C . 8.95 13.45 -3.49
C2 ADP C . 9.18 13.07 -4.76
N3 ADP C . 10.34 12.98 -5.42
C4 ADP C . 11.36 13.36 -4.64
C1 EDO D . -6.07 9.23 10.18
O1 EDO D . -5.04 10.16 10.61
C2 EDO D . -5.58 7.82 9.91
O2 EDO D . -4.58 7.77 8.89
CL CL E . -16.50 10.52 3.70
PB ADP F . 6.38 -2.62 -22.05
O1B ADP F . 5.25 -3.29 -21.29
O2B ADP F . 6.69 -3.31 -23.39
O3B ADP F . 6.01 -1.13 -22.24
PA ADP F . 7.94 -2.44 -19.56
O1A ADP F . 7.36 -1.09 -19.12
O2A ADP F . 9.39 -2.48 -19.32
O3A ADP F . 7.66 -2.69 -21.11
O5' ADP F . 7.12 -3.60 -18.81
C5' ADP F . 7.34 -5.01 -19.04
C4' ADP F . 8.43 -5.52 -18.14
O4' ADP F . 7.94 -5.59 -16.78
C3' ADP F . 8.93 -6.91 -18.45
O3' ADP F . 9.94 -6.89 -19.46
C2' ADP F . 9.46 -7.40 -17.09
O2' ADP F . 10.81 -7.02 -16.84
C1' ADP F . 8.53 -6.69 -16.10
N9 ADP F . 7.46 -7.54 -15.59
C8 ADP F . 6.44 -8.10 -16.33
N7 ADP F . 5.59 -8.80 -15.62
C5 ADP F . 6.08 -8.69 -14.33
C6 ADP F . 5.62 -9.21 -13.10
N6 ADP F . 4.58 -10.05 -12.99
N1 ADP F . 6.32 -8.90 -11.98
C2 ADP F . 7.42 -8.15 -12.10
N3 ADP F . 7.96 -7.62 -13.21
C4 ADP F . 7.23 -7.93 -14.29
C1 EDO G . -6.76 -12.89 3.33
O1 EDO G . -7.12 -13.54 2.11
C2 EDO G . -7.04 -11.39 3.40
O2 EDO G . -6.22 -10.64 2.49
CL CL H . 0.70 -14.78 13.14
#